data_284D
# 
_entry.id   284D 
# 
_audit_conform.dict_name       mmcif_pdbx.dic 
_audit_conform.dict_version    5.387 
_audit_conform.dict_location   http://mmcif.pdb.org/dictionaries/ascii/mmcif_pdbx.dic 
# 
loop_
_database_2.database_id 
_database_2.database_code 
_database_2.pdbx_database_accession 
_database_2.pdbx_DOI 
PDB   284D         pdb_0000284d 10.2210/pdb284d/pdb 
RCSB  UDH052       ?            ?                   
WWPDB D_1000177696 ?            ?                   
# 
loop_
_pdbx_audit_revision_history.ordinal 
_pdbx_audit_revision_history.data_content_type 
_pdbx_audit_revision_history.major_revision 
_pdbx_audit_revision_history.minor_revision 
_pdbx_audit_revision_history.revision_date 
1 'Structure model' 1 0 1997-06-11 
2 'Structure model' 1 1 2008-05-22 
3 'Structure model' 1 2 2011-07-13 
4 'Structure model' 1 3 2024-02-14 
# 
_pdbx_audit_revision_details.ordinal             1 
_pdbx_audit_revision_details.revision_ordinal    1 
_pdbx_audit_revision_details.data_content_type   'Structure model' 
_pdbx_audit_revision_details.provider            repository 
_pdbx_audit_revision_details.type                'Initial release' 
_pdbx_audit_revision_details.description         ? 
_pdbx_audit_revision_details.details             ? 
# 
loop_
_pdbx_audit_revision_group.ordinal 
_pdbx_audit_revision_group.revision_ordinal 
_pdbx_audit_revision_group.data_content_type 
_pdbx_audit_revision_group.group 
1 2 'Structure model' 'Version format compliance' 
2 3 'Structure model' 'Version format compliance' 
3 4 'Structure model' 'Data collection'           
4 4 'Structure model' 'Database references'       
5 4 'Structure model' 'Derived calculations'      
# 
loop_
_pdbx_audit_revision_category.ordinal 
_pdbx_audit_revision_category.revision_ordinal 
_pdbx_audit_revision_category.data_content_type 
_pdbx_audit_revision_category.category 
1 4 'Structure model' chem_comp_atom         
2 4 'Structure model' chem_comp_bond         
3 4 'Structure model' database_2             
4 4 'Structure model' diffrn_source          
5 4 'Structure model' pdbx_struct_conn_angle 
6 4 'Structure model' struct_conn            
7 4 'Structure model' struct_site            
# 
loop_
_pdbx_audit_revision_item.ordinal 
_pdbx_audit_revision_item.revision_ordinal 
_pdbx_audit_revision_item.data_content_type 
_pdbx_audit_revision_item.item 
1  4 'Structure model' '_database_2.pdbx_DOI'                        
2  4 'Structure model' '_database_2.pdbx_database_accession'         
3  4 'Structure model' '_diffrn_source.pdbx_synchrotron_site'        
4  4 'Structure model' '_pdbx_struct_conn_angle.ptnr1_auth_asym_id'  
5  4 'Structure model' '_pdbx_struct_conn_angle.ptnr1_auth_comp_id'  
6  4 'Structure model' '_pdbx_struct_conn_angle.ptnr1_auth_seq_id'   
7  4 'Structure model' '_pdbx_struct_conn_angle.ptnr1_label_asym_id' 
8  4 'Structure model' '_pdbx_struct_conn_angle.ptnr1_label_atom_id' 
9  4 'Structure model' '_pdbx_struct_conn_angle.ptnr1_label_comp_id' 
10 4 'Structure model' '_pdbx_struct_conn_angle.ptnr1_label_seq_id'  
11 4 'Structure model' '_pdbx_struct_conn_angle.ptnr3_auth_asym_id'  
12 4 'Structure model' '_pdbx_struct_conn_angle.ptnr3_auth_comp_id'  
13 4 'Structure model' '_pdbx_struct_conn_angle.ptnr3_auth_seq_id'   
14 4 'Structure model' '_pdbx_struct_conn_angle.ptnr3_label_asym_id' 
15 4 'Structure model' '_pdbx_struct_conn_angle.ptnr3_label_atom_id' 
16 4 'Structure model' '_pdbx_struct_conn_angle.ptnr3_label_comp_id' 
17 4 'Structure model' '_pdbx_struct_conn_angle.ptnr3_label_seq_id'  
18 4 'Structure model' '_pdbx_struct_conn_angle.value'               
19 4 'Structure model' '_struct_conn.pdbx_dist_value'                
20 4 'Structure model' '_struct_conn.pdbx_leaving_atom_flag'         
21 4 'Structure model' '_struct_conn.ptnr1_auth_asym_id'             
22 4 'Structure model' '_struct_conn.ptnr1_auth_comp_id'             
23 4 'Structure model' '_struct_conn.ptnr1_auth_seq_id'              
24 4 'Structure model' '_struct_conn.ptnr1_label_asym_id'            
25 4 'Structure model' '_struct_conn.ptnr1_label_atom_id'            
26 4 'Structure model' '_struct_conn.ptnr1_label_comp_id'            
27 4 'Structure model' '_struct_conn.ptnr1_label_seq_id'             
28 4 'Structure model' '_struct_conn.ptnr2_auth_asym_id'             
29 4 'Structure model' '_struct_conn.ptnr2_auth_comp_id'             
30 4 'Structure model' '_struct_conn.ptnr2_auth_seq_id'              
31 4 'Structure model' '_struct_conn.ptnr2_label_asym_id'            
32 4 'Structure model' '_struct_conn.ptnr2_label_atom_id'            
33 4 'Structure model' '_struct_conn.ptnr2_label_comp_id'            
34 4 'Structure model' '_struct_conn.ptnr2_label_seq_id'             
35 4 'Structure model' '_struct_site.pdbx_auth_asym_id'              
36 4 'Structure model' '_struct_site.pdbx_auth_comp_id'              
37 4 'Structure model' '_struct_site.pdbx_auth_seq_id'               
# 
_pdbx_database_status.status_code                     REL 
_pdbx_database_status.entry_id                        284D 
_pdbx_database_status.recvd_initial_deposition_date   1996-09-11 
_pdbx_database_status.deposit_site                    NDB 
_pdbx_database_status.process_site                    NDB 
_pdbx_database_status.status_code_sf                  REL 
_pdbx_database_status.status_code_mr                  ? 
_pdbx_database_status.SG_entry                        ? 
_pdbx_database_status.pdb_format_compatible           Y 
_pdbx_database_status.status_code_cs                  ? 
_pdbx_database_status.status_code_nmr_data            ? 
_pdbx_database_status.methods_development_category    ? 
# 
loop_
_audit_author.name 
_audit_author.pdbx_ordinal 
'Salisbury, S.A.' 1  
'Wilson, S.E.'    2  
'Powell, H.R.'    3  
'Kennard, O.'     4  
'Lubini, P.'      5  
'Sheldrick, G.M.' 6  
'Escaja, N.'      7  
'Alazzouzi, E.'   8  
'Grandas, A.'     9  
'Pedroso, E.'     10 
# 
_citation.id                        primary 
_citation.title                     'The bi-loop, a new general four-stranded DNA motif.' 
_citation.journal_abbrev            Proc.Natl.Acad.Sci.USA 
_citation.journal_volume            94 
_citation.page_first                5515 
_citation.page_last                 5518 
_citation.year                      1997 
_citation.journal_id_ASTM           PNASA6 
_citation.country                   US 
_citation.journal_id_ISSN           0027-8424 
_citation.journal_id_CSD            0040 
_citation.book_publisher            ? 
_citation.pdbx_database_id_PubMed   9159103 
_citation.pdbx_database_id_DOI      10.1073/pnas.94.11.5515 
# 
loop_
_citation_author.citation_id 
_citation_author.name 
_citation_author.ordinal 
_citation_author.identifier_ORCID 
primary 'Salisbury, S.A.' 1  ? 
primary 'Wilson, S.E.'    2  ? 
primary 'Powell, H.R.'    3  ? 
primary 'Kennard, O.'     4  ? 
primary 'Lubini, P.'      5  ? 
primary 'Sheldrick, G.M.' 6  ? 
primary 'Escaja, N.'      7  ? 
primary 'Alazzouzi, E.'   8  ? 
primary 'Grandas, A.'     9  ? 
primary 'Pedroso, E.'     10 ? 
# 
loop_
_entity.id 
_entity.type 
_entity.src_method 
_entity.pdbx_description 
_entity.formula_weight 
_entity.pdbx_number_of_molecules 
_entity.pdbx_ec 
_entity.pdbx_mutation 
_entity.pdbx_fragment 
_entity.details 
1 polymer     syn 
;DNA (5'-CD(*P*AP*TP*TP*CP*AP*TP*TP*C)-3')
;
2376.591 2   ? ? ? ? 
2 non-polymer syn 'SODIUM ION'                                22.990   1   ? ? ? ? 
3 non-polymer syn 'BARIUM ION'                                137.327  11  ? ? ? ? 
4 water       nat water                                       18.015   105 ? ? ? ? 
# 
_entity_poly.entity_id                      1 
_entity_poly.type                           polydeoxyribonucleotide 
_entity_poly.nstd_linkage                   no 
_entity_poly.nstd_monomer                   no 
_entity_poly.pdbx_seq_one_letter_code       '(DA)(DT)(DT)(DC)(DA)(DT)(DT)(DC)' 
_entity_poly.pdbx_seq_one_letter_code_can   ATTCATTC 
_entity_poly.pdbx_strand_id                 A,B 
_entity_poly.pdbx_target_identifier         ? 
# 
loop_
_pdbx_entity_nonpoly.entity_id 
_pdbx_entity_nonpoly.name 
_pdbx_entity_nonpoly.comp_id 
2 'SODIUM ION' NA  
3 'BARIUM ION' BA  
4 water        HOH 
# 
loop_
_entity_poly_seq.entity_id 
_entity_poly_seq.num 
_entity_poly_seq.mon_id 
_entity_poly_seq.hetero 
1 1 DA n 
1 2 DT n 
1 3 DT n 
1 4 DC n 
1 5 DA n 
1 6 DT n 
1 7 DT n 
1 8 DC n 
# 
loop_
_chem_comp.id 
_chem_comp.type 
_chem_comp.mon_nstd_flag 
_chem_comp.name 
_chem_comp.pdbx_synonyms 
_chem_comp.formula 
_chem_comp.formula_weight 
BA  non-polymer   . 'BARIUM ION'                         ? 'Ba 2'            137.327 
DA  'DNA linking' y "2'-DEOXYADENOSINE-5'-MONOPHOSPHATE" ? 'C10 H14 N5 O6 P' 331.222 
DC  'DNA linking' y "2'-DEOXYCYTIDINE-5'-MONOPHOSPHATE"  ? 'C9 H14 N3 O7 P'  307.197 
DT  'DNA linking' y "THYMIDINE-5'-MONOPHOSPHATE"         ? 'C10 H15 N2 O8 P' 322.208 
HOH non-polymer   . WATER                                ? 'H2 O'            18.015  
NA  non-polymer   . 'SODIUM ION'                         ? 'Na 1'            22.990  
# 
loop_
_pdbx_poly_seq_scheme.asym_id 
_pdbx_poly_seq_scheme.entity_id 
_pdbx_poly_seq_scheme.seq_id 
_pdbx_poly_seq_scheme.mon_id 
_pdbx_poly_seq_scheme.ndb_seq_num 
_pdbx_poly_seq_scheme.pdb_seq_num 
_pdbx_poly_seq_scheme.auth_seq_num 
_pdbx_poly_seq_scheme.pdb_mon_id 
_pdbx_poly_seq_scheme.auth_mon_id 
_pdbx_poly_seq_scheme.pdb_strand_id 
_pdbx_poly_seq_scheme.pdb_ins_code 
_pdbx_poly_seq_scheme.hetero 
A 1 1 DA 1 1  1  DA A A . n 
A 1 2 DT 2 2  2  DT T A . n 
A 1 3 DT 3 3  3  DT T A . n 
A 1 4 DC 4 4  4  DC C A . n 
A 1 5 DA 5 5  5  DA A A . n 
A 1 6 DT 6 6  6  DT T A . n 
A 1 7 DT 7 7  7  DT T A . n 
A 1 8 DC 8 8  8  DC C A . n 
B 1 1 DA 1 11 11 DA A B . n 
B 1 2 DT 2 12 12 DT T B . n 
B 1 3 DT 3 13 13 DT T B . n 
B 1 4 DC 4 14 14 DC C B . n 
B 1 5 DA 5 15 15 DA A B . n 
B 1 6 DT 6 16 16 DT T B . n 
B 1 7 DT 7 17 17 DT T B . n 
B 1 8 DC 8 18 18 DC C B . n 
# 
loop_
_pdbx_nonpoly_scheme.asym_id 
_pdbx_nonpoly_scheme.entity_id 
_pdbx_nonpoly_scheme.mon_id 
_pdbx_nonpoly_scheme.ndb_seq_num 
_pdbx_nonpoly_scheme.pdb_seq_num 
_pdbx_nonpoly_scheme.auth_seq_num 
_pdbx_nonpoly_scheme.pdb_mon_id 
_pdbx_nonpoly_scheme.auth_mon_id 
_pdbx_nonpoly_scheme.pdb_strand_id 
_pdbx_nonpoly_scheme.pdb_ins_code 
C 2 NA  1  19  19  NA  NA  A . 
D 3 BA  1  28  28  BA  BA  A . 
E 3 BA  1  29  29  BA  BA  A . 
F 3 BA  1  30  30  BA  BA  A . 
G 3 BA  1  20  20  BA  BA  B . 
H 3 BA  1  21  21  BA  BA  B . 
I 3 BA  1  22  22  BA  BA  B . 
J 3 BA  1  23  23  BA  BA  B . 
K 3 BA  1  24  24  BA  BA  B . 
L 3 BA  1  25  25  BA  BA  B . 
M 3 BA  1  26  26  BA  BA  B . 
N 3 BA  1  27  27  BA  BA  B . 
O 4 HOH 1  31  31  HOH HOH A . 
O 4 HOH 2  34  34  HOH HOH A . 
O 4 HOH 3  39  39  HOH HOH A . 
O 4 HOH 4  47  47  HOH HOH A . 
O 4 HOH 5  50  50  HOH HOH A . 
O 4 HOH 6  54  54  HOH HOH A . 
O 4 HOH 7  57  57  HOH HOH A . 
O 4 HOH 8  58  58  HOH HOH A . 
O 4 HOH 9  60  60  HOH HOH A . 
O 4 HOH 10 62  62  HOH HOH A . 
O 4 HOH 11 64  64  HOH HOH A . 
O 4 HOH 12 65  65  HOH HOH A . 
O 4 HOH 13 66  66  HOH HOH A . 
O 4 HOH 14 67  67  HOH HOH A . 
O 4 HOH 15 76  76  HOH HOH A . 
O 4 HOH 16 77  77  HOH HOH A . 
O 4 HOH 17 78  78  HOH HOH A . 
O 4 HOH 18 84  84  HOH HOH A . 
O 4 HOH 19 85  85  HOH HOH A . 
O 4 HOH 20 88  88  HOH HOH A . 
O 4 HOH 21 89  89  HOH HOH A . 
O 4 HOH 22 90  90  HOH HOH A . 
O 4 HOH 23 107 107 HOH HOH A . 
O 4 HOH 24 128 128 HOH HOH A . 
O 4 HOH 25 130 130 HOH HOH A . 
O 4 HOH 26 134 134 HOH HOH A . 
O 4 HOH 27 135 135 HOH HOH A . 
P 4 HOH 1  32  32  HOH HOH B . 
P 4 HOH 2  33  33  HOH HOH B . 
P 4 HOH 3  35  35  HOH HOH B . 
P 4 HOH 4  36  36  HOH HOH B . 
P 4 HOH 5  37  37  HOH HOH B . 
P 4 HOH 6  38  38  HOH HOH B . 
P 4 HOH 7  40  40  HOH HOH B . 
P 4 HOH 8  41  41  HOH HOH B . 
P 4 HOH 9  42  42  HOH HOH B . 
P 4 HOH 10 43  43  HOH HOH B . 
P 4 HOH 11 44  44  HOH HOH B . 
P 4 HOH 12 45  45  HOH HOH B . 
P 4 HOH 13 46  46  HOH HOH B . 
P 4 HOH 14 48  48  HOH HOH B . 
P 4 HOH 15 49  49  HOH HOH B . 
P 4 HOH 16 51  51  HOH HOH B . 
P 4 HOH 17 52  52  HOH HOH B . 
P 4 HOH 18 53  53  HOH HOH B . 
P 4 HOH 19 55  55  HOH HOH B . 
P 4 HOH 20 56  56  HOH HOH B . 
P 4 HOH 21 59  59  HOH HOH B . 
P 4 HOH 22 61  61  HOH HOH B . 
P 4 HOH 23 63  63  HOH HOH B . 
P 4 HOH 24 68  68  HOH HOH B . 
P 4 HOH 25 69  69  HOH HOH B . 
P 4 HOH 26 70  70  HOH HOH B . 
P 4 HOH 27 71  71  HOH HOH B . 
P 4 HOH 28 72  72  HOH HOH B . 
P 4 HOH 29 73  73  HOH HOH B . 
P 4 HOH 30 74  74  HOH HOH B . 
P 4 HOH 31 75  75  HOH HOH B . 
P 4 HOH 32 79  79  HOH HOH B . 
P 4 HOH 33 80  80  HOH HOH B . 
P 4 HOH 34 81  81  HOH HOH B . 
P 4 HOH 35 82  82  HOH HOH B . 
P 4 HOH 36 83  83  HOH HOH B . 
P 4 HOH 37 86  86  HOH HOH B . 
P 4 HOH 38 87  87  HOH HOH B . 
P 4 HOH 39 91  91  HOH HOH B . 
P 4 HOH 40 92  92  HOH HOH B . 
P 4 HOH 41 93  93  HOH HOH B . 
P 4 HOH 42 94  94  HOH HOH B . 
P 4 HOH 43 95  95  HOH HOH B . 
P 4 HOH 44 96  96  HOH HOH B . 
P 4 HOH 45 97  97  HOH HOH B . 
P 4 HOH 46 98  98  HOH HOH B . 
P 4 HOH 47 99  99  HOH HOH B . 
P 4 HOH 48 100 100 HOH HOH B . 
P 4 HOH 49 101 101 HOH HOH B . 
P 4 HOH 50 102 102 HOH HOH B . 
P 4 HOH 51 103 103 HOH HOH B . 
P 4 HOH 52 104 104 HOH HOH B . 
P 4 HOH 53 105 105 HOH HOH B . 
P 4 HOH 54 106 106 HOH HOH B . 
P 4 HOH 55 108 108 HOH HOH B . 
P 4 HOH 56 109 109 HOH HOH B . 
P 4 HOH 57 110 110 HOH HOH B . 
P 4 HOH 58 111 111 HOH HOH B . 
P 4 HOH 59 112 112 HOH HOH B . 
P 4 HOH 60 113 113 HOH HOH B . 
P 4 HOH 61 114 114 HOH HOH B . 
P 4 HOH 62 115 115 HOH HOH B . 
P 4 HOH 63 116 116 HOH HOH B . 
P 4 HOH 64 117 117 HOH HOH B . 
P 4 HOH 65 118 118 HOH HOH B . 
P 4 HOH 66 119 119 HOH HOH B . 
P 4 HOH 67 120 120 HOH HOH B . 
P 4 HOH 68 121 121 HOH HOH B . 
P 4 HOH 69 122 122 HOH HOH B . 
P 4 HOH 70 123 123 HOH HOH B . 
P 4 HOH 71 124 124 HOH HOH B . 
P 4 HOH 72 125 125 HOH HOH B . 
P 4 HOH 73 126 126 HOH HOH B . 
P 4 HOH 74 127 127 HOH HOH B . 
P 4 HOH 75 129 129 HOH HOH B . 
P 4 HOH 76 131 131 HOH HOH B . 
P 4 HOH 77 132 132 HOH HOH B . 
P 4 HOH 78 133 133 HOH HOH B . 
# 
loop_
_software.name 
_software.classification 
_software.version 
_software.citation_id 
_software.pdbx_ordinal 
SHELXL-96 refinement       . ? 1 
DENZO     'data reduction' . ? 2 
SCALEPACK 'data scaling'   . ? 3 
# 
_cell.entry_id           284D 
_cell.length_a           22.844 
_cell.length_b           27.676 
_cell.length_c           55.370 
_cell.angle_alpha        90.00 
_cell.angle_beta         90.00 
_cell.angle_gamma        90.00 
_cell.Z_PDB              8 
_cell.pdbx_unique_axis   ? 
# 
_symmetry.entry_id                         284D 
_symmetry.space_group_name_H-M             'P 21 21 21' 
_symmetry.pdbx_full_space_group_name_H-M   ? 
_symmetry.cell_setting                     ? 
_symmetry.Int_Tables_number                19 
# 
_exptl.entry_id          284D 
_exptl.method            'X-RAY DIFFRACTION' 
_exptl.crystals_number   1 
# 
_exptl_crystal.id                    1 
_exptl_crystal.density_meas          ? 
_exptl_crystal.density_Matthews      1.84 
_exptl_crystal.density_percent_sol   36.0000 
_exptl_crystal.description           ? 
# 
_exptl_crystal_grow.crystal_id      1 
_exptl_crystal_grow.method          'VAPOR DIFFUSION, SITTING DROP' 
_exptl_crystal_grow.temp            ? 
_exptl_crystal_grow.temp_details    ? 
_exptl_crystal_grow.pH              7.00 
_exptl_crystal_grow.pdbx_details    'pH 7.00, VAPOR DIFFUSION, SITTING DROP' 
_exptl_crystal_grow.pdbx_pH_range   ? 
# 
loop_
_exptl_crystal_grow_comp.crystal_id 
_exptl_crystal_grow_comp.id 
_exptl_crystal_grow_comp.sol_id 
_exptl_crystal_grow_comp.name 
_exptl_crystal_grow_comp.volume 
_exptl_crystal_grow_comp.conc 
_exptl_crystal_grow_comp.details 
1 1 1 WATER           ? ? ? 
1 2 1 'NA CACODYLATE' ? ? ? 
1 3 1 'BA ACETATE'    ? ? ? 
1 4 1 'PEG 4000'      ? ? ? 
1 5 2 WATER           ? ? ? 
1 6 2 'PEG 4000'      ? ? ? 
# 
_diffrn.id                     1 
_diffrn.ambient_temp           120.00 
_diffrn.ambient_temp_details   ? 
_diffrn.crystal_id             1 
# 
_diffrn_detector.diffrn_id              1 
_diffrn_detector.detector               'IMAGE PLATE' 
_diffrn_detector.type                   MARRESEARCH 
_diffrn_detector.pdbx_collection_date   1995-08-18 
_diffrn_detector.details                ? 
# 
_diffrn_radiation.diffrn_id                        1 
_diffrn_radiation.wavelength_id                    1 
_diffrn_radiation.pdbx_monochromatic_or_laue_m_l   M 
_diffrn_radiation.monochromator                    ? 
_diffrn_radiation.pdbx_diffrn_protocol             ? 
_diffrn_radiation.pdbx_scattering_type             x-ray 
# 
_diffrn_radiation_wavelength.id           1 
_diffrn_radiation_wavelength.wavelength   . 
_diffrn_radiation_wavelength.wt           1.0 
# 
_diffrn_source.diffrn_id                   1 
_diffrn_source.source                      SYNCHROTRON 
_diffrn_source.type                        'EMBL/DESY, HAMBURG BEAMLINE X11' 
_diffrn_source.pdbx_synchrotron_site       'EMBL/DESY, HAMBURG' 
_diffrn_source.pdbx_synchrotron_beamline   X11 
_diffrn_source.pdbx_wavelength             ? 
_diffrn_source.pdbx_wavelength_list        ? 
# 
_reflns.entry_id                     284D 
_reflns.observed_criterion_sigma_I   ? 
_reflns.observed_criterion_sigma_F   ? 
_reflns.d_resolution_low             ? 
_reflns.d_resolution_high            1.100 
_reflns.number_obs                   19971 
_reflns.number_all                   ? 
_reflns.percent_possible_obs         100.000 
_reflns.pdbx_Rmerge_I_obs            0.0690000 
_reflns.pdbx_Rsym_value              ? 
_reflns.pdbx_netI_over_sigmaI        ? 
_reflns.B_iso_Wilson_estimate        ? 
_reflns.pdbx_redundancy              ? 
_reflns.pdbx_diffrn_id               1 
_reflns.pdbx_ordinal                 1 
# 
_refine.entry_id                                 284D 
_refine.ls_number_reflns_obs                     12662 
_refine.ls_number_reflns_all                     19924 
_refine.pdbx_ls_sigma_I                          ? 
_refine.pdbx_ls_sigma_F                          4.000 
_refine.pdbx_data_cutoff_high_absF               ? 
_refine.pdbx_data_cutoff_low_absF                ? 
_refine.pdbx_data_cutoff_high_rms_absF           ? 
_refine.ls_d_res_low                             9.000 
_refine.ls_d_res_high                            1.100 
_refine.ls_percent_reflns_obs                    100.000 
_refine.ls_R_factor_obs                          0.1990000 
_refine.ls_R_factor_all                          ? 
_refine.ls_R_factor_R_work                       ? 
_refine.ls_R_factor_R_free                       ? 
_refine.ls_R_factor_R_free_error                 ? 
_refine.ls_R_factor_R_free_error_details         ? 
_refine.ls_percent_reflns_R_free                 ? 
_refine.ls_number_reflns_R_free                  ? 
_refine.ls_number_parameters                     3484 
_refine.ls_number_restraints                     4248 
_refine.occupancy_min                            ? 
_refine.occupancy_max                            ? 
_refine.B_iso_mean                               ? 
_refine.aniso_B[1][1]                            ? 
_refine.aniso_B[2][2]                            ? 
_refine.aniso_B[3][3]                            ? 
_refine.aniso_B[1][2]                            ? 
_refine.aniso_B[1][3]                            ? 
_refine.aniso_B[2][3]                            ? 
_refine.solvent_model_details                    ? 
_refine.solvent_model_param_ksol                 ? 
_refine.solvent_model_param_bsol                 ? 
_refine.pdbx_ls_cross_valid_method               ? 
_refine.details                                  ? 
_refine.pdbx_starting_model                      ? 
_refine.pdbx_method_to_determine_struct          'HEAVY ATOM METHOD' 
_refine.pdbx_isotropic_thermal_model             ? 
_refine.pdbx_stereochemistry_target_values       SHELXL 
_refine.pdbx_stereochem_target_val_spec_case     ? 
_refine.pdbx_R_Free_selection_details            ? 
_refine.pdbx_overall_ESU_R                       ? 
_refine.pdbx_overall_ESU_R_Free                  ? 
_refine.overall_SU_ML                            ? 
_refine.overall_SU_B                             ? 
_refine.pdbx_refine_id                           'X-RAY DIFFRACTION' 
_refine.pdbx_diffrn_id                           1 
_refine.pdbx_TLS_residual_ADP_flag               ? 
_refine.correlation_coeff_Fo_to_Fc               ? 
_refine.correlation_coeff_Fo_to_Fc_free          ? 
_refine.pdbx_solvent_vdw_probe_radii             ? 
_refine.pdbx_solvent_ion_probe_radii             ? 
_refine.pdbx_solvent_shrinkage_radii             ? 
_refine.pdbx_overall_phase_error                 ? 
_refine.overall_SU_R_Cruickshank_DPI             ? 
_refine.pdbx_overall_SU_R_free_Cruickshank_DPI   ? 
_refine.pdbx_overall_SU_R_Blow_DPI               ? 
_refine.pdbx_overall_SU_R_free_Blow_DPI          ? 
# 
_refine_hist.pdbx_refine_id                   'X-RAY DIFFRACTION' 
_refine_hist.cycle_id                         LAST 
_refine_hist.pdbx_number_atoms_protein        0 
_refine_hist.pdbx_number_atoms_nucleic_acid   504 
_refine_hist.pdbx_number_atoms_ligand         12 
_refine_hist.number_atoms_solvent             105 
_refine_hist.number_atoms_total               621 
_refine_hist.d_res_high                       1.100 
_refine_hist.d_res_low                        9.000 
# 
loop_
_refine_ls_restr.type 
_refine_ls_restr.dev_ideal 
_refine_ls_restr.dev_ideal_target 
_refine_ls_restr.weight 
_refine_ls_restr.number 
_refine_ls_restr.pdbx_refine_id 
_refine_ls_restr.pdbx_restraint_function 
s_bond_d               0.006 ? ? ? 'X-RAY DIFFRACTION' ? 
s_angle_d              0.006 ? ? ? 'X-RAY DIFFRACTION' ? 
s_similar_dist         ?     ? ? ? 'X-RAY DIFFRACTION' ? 
s_from_restr_planes    ?     ? ? ? 'X-RAY DIFFRACTION' ? 
s_zero_chiral_vol      ?     ? ? ? 'X-RAY DIFFRACTION' ? 
s_non_zero_chiral_vol  ?     ? ? ? 'X-RAY DIFFRACTION' ? 
s_anti_bump_dis_restr  ?     ? ? ? 'X-RAY DIFFRACTION' ? 
s_rigid_bond_adp_cmpnt ?     ? ? ? 'X-RAY DIFFRACTION' ? 
s_similar_adp_cmpnt    ?     ? ? ? 'X-RAY DIFFRACTION' ? 
s_approx_iso_adps      ?     ? ? ? 'X-RAY DIFFRACTION' ? 
# 
_pdbx_refine.entry_id                                    284D 
_pdbx_refine.R_factor_all_no_cutoff                      ? 
_pdbx_refine.R_factor_obs_no_cutoff                      0.2280000 
_pdbx_refine.free_R_factor_no_cutoff                     ? 
_pdbx_refine.free_R_val_test_set_size_perc_no_cutoff     ? 
_pdbx_refine.free_R_val_test_set_ct_no_cutoff            ? 
_pdbx_refine.R_factor_all_4sig_cutoff                    ? 
_pdbx_refine.R_factor_obs_4sig_cutoff                    0.1990000 
_pdbx_refine.free_R_factor_4sig_cutoff                   ? 
_pdbx_refine.free_R_val_test_set_size_perc_4sig_cutoff   ? 
_pdbx_refine.free_R_val_test_set_ct_4sig_cutoff          ? 
_pdbx_refine.number_reflns_obs_4sig_cutoff               12662 
_pdbx_refine.pdbx_refine_id                              'X-RAY DIFFRACTION' 
_pdbx_refine.free_R_error_no_cutoff                      ? 
# 
_struct.entry_id                  284D 
_struct.title                     'THE BI-LOOP, A NEW GENERAL FOUR-STRANDED DNA MOTIF' 
_struct.pdbx_model_details        ? 
_struct.pdbx_CASP_flag            ? 
_struct.pdbx_model_type_details   ? 
# 
_struct_keywords.entry_id        284D 
_struct_keywords.pdbx_keywords   DNA 
_struct_keywords.text            'CYCLIC B-DNA, QUADRUPLE HELIX, BI-LOOP, DNA' 
# 
loop_
_struct_asym.id 
_struct_asym.pdbx_blank_PDB_chainid_flag 
_struct_asym.pdbx_modified 
_struct_asym.entity_id 
_struct_asym.details 
A N N 1 ? 
B N N 1 ? 
C N N 2 ? 
D N N 3 ? 
E N N 3 ? 
F N N 3 ? 
G N N 3 ? 
H N N 3 ? 
I N N 3 ? 
J N N 3 ? 
K N N 3 ? 
L N N 3 ? 
M N N 3 ? 
N N N 3 ? 
O N N 4 ? 
P N N 4 ? 
# 
_struct_ref.id                         1 
_struct_ref.entity_id                  1 
_struct_ref.db_name                    PDB 
_struct_ref.db_code                    284D 
_struct_ref.pdbx_db_accession          284D 
_struct_ref.pdbx_db_isoform            ? 
_struct_ref.pdbx_seq_one_letter_code   ? 
_struct_ref.pdbx_align_begin           ? 
# 
loop_
_struct_ref_seq.align_id 
_struct_ref_seq.ref_id 
_struct_ref_seq.pdbx_PDB_id_code 
_struct_ref_seq.pdbx_strand_id 
_struct_ref_seq.seq_align_beg 
_struct_ref_seq.pdbx_seq_align_beg_ins_code 
_struct_ref_seq.seq_align_end 
_struct_ref_seq.pdbx_seq_align_end_ins_code 
_struct_ref_seq.pdbx_db_accession 
_struct_ref_seq.db_align_beg 
_struct_ref_seq.pdbx_db_align_beg_ins_code 
_struct_ref_seq.db_align_end 
_struct_ref_seq.pdbx_db_align_end_ins_code 
_struct_ref_seq.pdbx_auth_seq_align_beg 
_struct_ref_seq.pdbx_auth_seq_align_end 
1 1 284D A 1 ? 8 ? 284D 1  ? 8  ? 1  8  
2 1 284D B 1 ? 8 ? 284D 11 ? 18 ? 11 18 
# 
_pdbx_struct_assembly.id                   1 
_pdbx_struct_assembly.details              author_defined_assembly 
_pdbx_struct_assembly.method_details       ? 
_pdbx_struct_assembly.oligomeric_details   dimeric 
_pdbx_struct_assembly.oligomeric_count     2 
# 
_pdbx_struct_assembly_gen.assembly_id       1 
_pdbx_struct_assembly_gen.oper_expression   1 
_pdbx_struct_assembly_gen.asym_id_list      A,B,C,D,E,F,G,H,I,J,K,L,M,N,O,P 
# 
_pdbx_struct_oper_list.id                   1 
_pdbx_struct_oper_list.type                 'identity operation' 
_pdbx_struct_oper_list.name                 1_555 
_pdbx_struct_oper_list.symmetry_operation   x,y,z 
_pdbx_struct_oper_list.matrix[1][1]         1.0000000000 
_pdbx_struct_oper_list.matrix[1][2]         0.0000000000 
_pdbx_struct_oper_list.matrix[1][3]         0.0000000000 
_pdbx_struct_oper_list.vector[1]            0.0000000000 
_pdbx_struct_oper_list.matrix[2][1]         0.0000000000 
_pdbx_struct_oper_list.matrix[2][2]         1.0000000000 
_pdbx_struct_oper_list.matrix[2][3]         0.0000000000 
_pdbx_struct_oper_list.vector[2]            0.0000000000 
_pdbx_struct_oper_list.matrix[3][1]         0.0000000000 
_pdbx_struct_oper_list.matrix[3][2]         0.0000000000 
_pdbx_struct_oper_list.matrix[3][3]         1.0000000000 
_pdbx_struct_oper_list.vector[3]            0.0000000000 
# 
_struct_biol.id   1 
# 
loop_
_struct_conn.id 
_struct_conn.conn_type_id 
_struct_conn.pdbx_leaving_atom_flag 
_struct_conn.pdbx_PDB_id 
_struct_conn.ptnr1_label_asym_id 
_struct_conn.ptnr1_label_comp_id 
_struct_conn.ptnr1_label_seq_id 
_struct_conn.ptnr1_label_atom_id 
_struct_conn.pdbx_ptnr1_label_alt_id 
_struct_conn.pdbx_ptnr1_PDB_ins_code 
_struct_conn.pdbx_ptnr1_standard_comp_id 
_struct_conn.ptnr1_symmetry 
_struct_conn.ptnr2_label_asym_id 
_struct_conn.ptnr2_label_comp_id 
_struct_conn.ptnr2_label_seq_id 
_struct_conn.ptnr2_label_atom_id 
_struct_conn.pdbx_ptnr2_label_alt_id 
_struct_conn.pdbx_ptnr2_PDB_ins_code 
_struct_conn.ptnr1_auth_asym_id 
_struct_conn.ptnr1_auth_comp_id 
_struct_conn.ptnr1_auth_seq_id 
_struct_conn.ptnr2_auth_asym_id 
_struct_conn.ptnr2_auth_comp_id 
_struct_conn.ptnr2_auth_seq_id 
_struct_conn.ptnr2_symmetry 
_struct_conn.pdbx_ptnr3_label_atom_id 
_struct_conn.pdbx_ptnr3_label_seq_id 
_struct_conn.pdbx_ptnr3_label_comp_id 
_struct_conn.pdbx_ptnr3_label_asym_id 
_struct_conn.pdbx_ptnr3_label_alt_id 
_struct_conn.pdbx_ptnr3_PDB_ins_code 
_struct_conn.details 
_struct_conn.pdbx_dist_value 
_struct_conn.pdbx_value_order 
_struct_conn.pdbx_role 
covale1 covale both ? A DA 1 P  ? ? ? 1_555 A DC  8 "O3'" ? ? A DA 1  A DC  8  1_555 ? ? ? ? ? ? ?            1.603 ? ? 
covale2 covale both ? B DA 1 P  ? ? ? 1_555 B DC  8 "O3'" ? ? B DA 11 B DC  18 1_555 ? ? ? ? ? ? ?            1.641 ? ? 
metalc1 metalc ?    ? A DT 2 O2 ? ? ? 1_555 C NA  . NA    ? ? A DT 2  A NA  19 1_555 ? ? ? ? ? ? ?            2.780 ? ? 
metalc2 metalc ?    ? A DT 6 O2 ? ? ? 1_555 C NA  . NA    ? ? A DT 6  A NA  19 1_555 ? ? ? ? ? ? ?            2.788 ? ? 
metalc3 metalc ?    ? C NA . NA ? ? ? 1_555 O HOH . O     ? ? A NA 19 A HOH 31 1_555 ? ? ? ? ? ? ?            2.828 ? ? 
metalc4 metalc ?    ? C NA . NA ? ? ? 1_555 B DT  2 O2    ? ? A NA 19 B DT  12 1_555 ? ? ? ? ? ? ?            2.785 ? ? 
metalc5 metalc ?    ? C NA . NA ? ? ? 1_555 B DT  6 O2    ? ? A NA 19 B DT  16 1_555 ? ? ? ? ? ? ?            2.834 ? ? 
metalc6 metalc ?    ? C NA . NA ? ? ? 1_555 P HOH . O     ? ? A NA 19 B HOH 32 1_555 ? ? ? ? ? ? ?            2.800 ? ? 
hydrog1 hydrog ?    ? A DA 1 N1 ? ? ? 1_555 B DT  2 N3    ? ? A DA 1  B DT  12 1_555 ? ? ? ? ? ? WATSON-CRICK ?     ? ? 
hydrog2 hydrog ?    ? A DA 1 N6 ? ? ? 1_555 B DT  2 O4    ? ? A DA 1  B DT  12 1_555 ? ? ? ? ? ? WATSON-CRICK ?     ? ? 
hydrog3 hydrog ?    ? A DT 2 N3 ? ? ? 1_555 B DA  1 N1    ? ? A DT 2  B DA  11 1_555 ? ? ? ? ? ? WATSON-CRICK ?     ? ? 
hydrog4 hydrog ?    ? A DT 2 O4 ? ? ? 1_555 B DA  1 N6    ? ? A DT 2  B DA  11 1_555 ? ? ? ? ? ? WATSON-CRICK ?     ? ? 
hydrog5 hydrog ?    ? A DA 5 N1 ? ? ? 1_555 B DT  6 N3    ? ? A DA 5  B DT  16 1_555 ? ? ? ? ? ? WATSON-CRICK ?     ? ? 
hydrog6 hydrog ?    ? A DA 5 N6 ? ? ? 1_555 B DT  6 O4    ? ? A DA 5  B DT  16 1_555 ? ? ? ? ? ? WATSON-CRICK ?     ? ? 
hydrog7 hydrog ?    ? A DT 6 N3 ? ? ? 1_555 B DA  5 N1    ? ? A DT 6  B DA  15 1_555 ? ? ? ? ? ? WATSON-CRICK ?     ? ? 
hydrog8 hydrog ?    ? A DT 6 O4 ? ? ? 1_555 B DA  5 N6    ? ? A DT 6  B DA  15 1_555 ? ? ? ? ? ? WATSON-CRICK ?     ? ? 
# 
loop_
_struct_conn_type.id 
_struct_conn_type.criteria 
_struct_conn_type.reference 
covale ? ? 
metalc ? ? 
hydrog ? ? 
# 
loop_
_pdbx_struct_conn_angle.id 
_pdbx_struct_conn_angle.ptnr1_label_atom_id 
_pdbx_struct_conn_angle.ptnr1_label_alt_id 
_pdbx_struct_conn_angle.ptnr1_label_asym_id 
_pdbx_struct_conn_angle.ptnr1_label_comp_id 
_pdbx_struct_conn_angle.ptnr1_label_seq_id 
_pdbx_struct_conn_angle.ptnr1_auth_atom_id 
_pdbx_struct_conn_angle.ptnr1_auth_asym_id 
_pdbx_struct_conn_angle.ptnr1_auth_comp_id 
_pdbx_struct_conn_angle.ptnr1_auth_seq_id 
_pdbx_struct_conn_angle.ptnr1_PDB_ins_code 
_pdbx_struct_conn_angle.ptnr1_symmetry 
_pdbx_struct_conn_angle.ptnr2_label_atom_id 
_pdbx_struct_conn_angle.ptnr2_label_alt_id 
_pdbx_struct_conn_angle.ptnr2_label_asym_id 
_pdbx_struct_conn_angle.ptnr2_label_comp_id 
_pdbx_struct_conn_angle.ptnr2_label_seq_id 
_pdbx_struct_conn_angle.ptnr2_auth_atom_id 
_pdbx_struct_conn_angle.ptnr2_auth_asym_id 
_pdbx_struct_conn_angle.ptnr2_auth_comp_id 
_pdbx_struct_conn_angle.ptnr2_auth_seq_id 
_pdbx_struct_conn_angle.ptnr2_PDB_ins_code 
_pdbx_struct_conn_angle.ptnr2_symmetry 
_pdbx_struct_conn_angle.ptnr3_label_atom_id 
_pdbx_struct_conn_angle.ptnr3_label_alt_id 
_pdbx_struct_conn_angle.ptnr3_label_asym_id 
_pdbx_struct_conn_angle.ptnr3_label_comp_id 
_pdbx_struct_conn_angle.ptnr3_label_seq_id 
_pdbx_struct_conn_angle.ptnr3_auth_atom_id 
_pdbx_struct_conn_angle.ptnr3_auth_asym_id 
_pdbx_struct_conn_angle.ptnr3_auth_comp_id 
_pdbx_struct_conn_angle.ptnr3_auth_seq_id 
_pdbx_struct_conn_angle.ptnr3_PDB_ins_code 
_pdbx_struct_conn_angle.ptnr3_symmetry 
_pdbx_struct_conn_angle.value 
_pdbx_struct_conn_angle.value_esd 
1  O2 ? A DT  2 ? A DT  2  ? 1_555 NA ? C NA . ? A NA 19 ? 1_555 O2 ? A DT  6 ? A DT  6  ? 1_555 137.3 ? 
2  O2 ? A DT  2 ? A DT  2  ? 1_555 NA ? C NA . ? A NA 19 ? 1_555 O  ? O HOH . ? A HOH 31 ? 1_555 68.2  ? 
3  O2 ? A DT  6 ? A DT  6  ? 1_555 NA ? C NA . ? A NA 19 ? 1_555 O  ? O HOH . ? A HOH 31 ? 1_555 69.4  ? 
4  O2 ? A DT  2 ? A DT  2  ? 1_555 NA ? C NA . ? A NA 19 ? 1_555 O2 ? B DT  2 ? B DT  12 ? 1_555 105.5 ? 
5  O2 ? A DT  6 ? A DT  6  ? 1_555 NA ? C NA . ? A NA 19 ? 1_555 O2 ? B DT  2 ? B DT  12 ? 1_555 93.8  ? 
6  O  ? O HOH . ? A HOH 31 ? 1_555 NA ? C NA . ? A NA 19 ? 1_555 O2 ? B DT  2 ? B DT  12 ? 1_555 110.6 ? 
7  O2 ? A DT  2 ? A DT  2  ? 1_555 NA ? C NA . ? A NA 19 ? 1_555 O2 ? B DT  6 ? B DT  16 ? 1_555 83.7  ? 
8  O2 ? A DT  6 ? A DT  6  ? 1_555 NA ? C NA . ? A NA 19 ? 1_555 O2 ? B DT  6 ? B DT  16 ? 1_555 106.4 ? 
9  O  ? O HOH . ? A HOH 31 ? 1_555 NA ? C NA . ? A NA 19 ? 1_555 O2 ? B DT  6 ? B DT  16 ? 1_555 110.2 ? 
10 O2 ? B DT  2 ? B DT  12 ? 1_555 NA ? C NA . ? A NA 19 ? 1_555 O2 ? B DT  6 ? B DT  16 ? 1_555 138.7 ? 
11 O2 ? A DT  2 ? A DT  2  ? 1_555 NA ? C NA . ? A NA 19 ? 1_555 O  ? P HOH . ? B HOH 32 ? 1_555 110.9 ? 
12 O2 ? A DT  6 ? A DT  6  ? 1_555 NA ? C NA . ? A NA 19 ? 1_555 O  ? P HOH . ? B HOH 32 ? 1_555 111.5 ? 
13 O  ? O HOH . ? A HOH 31 ? 1_555 NA ? C NA . ? A NA 19 ? 1_555 O  ? P HOH . ? B HOH 32 ? 1_555 178.8 ? 
14 O2 ? B DT  2 ? B DT  12 ? 1_555 NA ? C NA . ? A NA 19 ? 1_555 O  ? P HOH . ? B HOH 32 ? 1_555 70.3  ? 
15 O2 ? B DT  6 ? B DT  16 ? 1_555 NA ? C NA . ? A NA 19 ? 1_555 O  ? P HOH . ? B HOH 32 ? 1_555 68.9  ? 
# 
loop_
_struct_site.id 
_struct_site.pdbx_evidence_code 
_struct_site.pdbx_auth_asym_id 
_struct_site.pdbx_auth_comp_id 
_struct_site.pdbx_auth_seq_id 
_struct_site.pdbx_auth_ins_code 
_struct_site.pdbx_num_residues 
_struct_site.details 
AC1 Software A NA 19 ? 6  'BINDING SITE FOR RESIDUE NA A 19' 
AC2 Software B BA 20 ? 10 'BINDING SITE FOR RESIDUE BA B 20' 
AC3 Software B BA 21 ? 5  'BINDING SITE FOR RESIDUE BA B 21' 
AC4 Software B BA 22 ? 7  'BINDING SITE FOR RESIDUE BA B 22' 
AC5 Software B BA 23 ? 5  'BINDING SITE FOR RESIDUE BA B 23' 
AC6 Software B BA 24 ? 4  'BINDING SITE FOR RESIDUE BA B 24' 
AC7 Software B BA 25 ? 8  'BINDING SITE FOR RESIDUE BA B 25' 
AC8 Software B BA 26 ? 9  'BINDING SITE FOR RESIDUE BA B 26' 
AC9 Software B BA 27 ? 7  'BINDING SITE FOR RESIDUE BA B 27' 
BC1 Software A BA 28 ? 3  'BINDING SITE FOR RESIDUE BA A 28' 
BC2 Software A BA 29 ? 2  'BINDING SITE FOR RESIDUE BA A 29' 
BC3 Software A BA 30 ? 4  'BINDING SITE FOR RESIDUE BA A 30' 
# 
loop_
_struct_site_gen.id 
_struct_site_gen.site_id 
_struct_site_gen.pdbx_num_res 
_struct_site_gen.label_comp_id 
_struct_site_gen.label_asym_id 
_struct_site_gen.label_seq_id 
_struct_site_gen.pdbx_auth_ins_code 
_struct_site_gen.auth_comp_id 
_struct_site_gen.auth_asym_id 
_struct_site_gen.auth_seq_id 
_struct_site_gen.label_atom_id 
_struct_site_gen.label_alt_id 
_struct_site_gen.symmetry 
_struct_site_gen.details 
1  AC1 6  DT  A 2 ? DT  A 2   . ? 1_555 ? 
2  AC1 6  DT  A 6 ? DT  A 6   . ? 1_555 ? 
3  AC1 6  HOH O . ? HOH A 31  . ? 1_555 ? 
4  AC1 6  DT  B 2 ? DT  B 12  . ? 1_555 ? 
5  AC1 6  DT  B 6 ? DT  B 16  . ? 1_555 ? 
6  AC1 6  HOH P . ? HOH B 32  . ? 1_555 ? 
7  AC2 10 DC  B 4 ? DC  B 14  . ? 1_555 ? 
8  AC2 10 DA  B 5 ? DA  B 15  . ? 1_555 ? 
9  AC2 10 HOH P . ? HOH B 35  . ? 1_555 ? 
10 AC2 10 HOH P . ? HOH B 36  . ? 1_555 ? 
11 AC2 10 HOH P . ? HOH B 38  . ? 1_555 ? 
12 AC2 10 HOH P . ? HOH B 68  . ? 1_555 ? 
13 AC2 10 HOH P . ? HOH B 92  . ? 1_555 ? 
14 AC2 10 HOH P . ? HOH B 93  . ? 1_555 ? 
15 AC2 10 HOH P . ? HOH B 94  . ? 1_555 ? 
16 AC2 10 HOH P . ? HOH B 95  . ? 1_555 ? 
17 AC3 5  DA  B 1 ? DA  B 11  . ? 1_555 ? 
18 AC3 5  DC  B 8 ? DC  B 18  . ? 1_555 ? 
19 AC3 5  HOH P . ? HOH B 98  . ? 1_555 ? 
20 AC3 5  HOH P . ? HOH B 99  . ? 1_555 ? 
21 AC3 5  HOH P . ? HOH B 124 . ? 1_555 ? 
22 AC4 7  BA  J . ? BA  B 23  . ? 1_555 ? 
23 AC4 7  BA  K . ? BA  B 24  . ? 1_555 ? 
24 AC4 7  HOH P . ? HOH B 40  . ? 1_555 ? 
25 AC4 7  HOH P . ? HOH B 49  . ? 1_555 ? 
26 AC4 7  HOH P . ? HOH B 56  . ? 1_555 ? 
27 AC4 7  HOH P . ? HOH B 101 . ? 1_555 ? 
28 AC4 7  HOH P . ? HOH B 117 . ? 1_555 ? 
29 AC5 5  BA  I . ? BA  B 22  . ? 1_555 ? 
30 AC5 5  BA  K . ? BA  B 24  . ? 1_555 ? 
31 AC5 5  HOH P . ? HOH B 40  . ? 1_555 ? 
32 AC5 5  HOH P . ? HOH B 49  . ? 1_555 ? 
33 AC5 5  HOH P . ? HOH B 102 . ? 1_555 ? 
34 AC6 4  BA  I . ? BA  B 22  . ? 1_555 ? 
35 AC6 4  BA  J . ? BA  B 23  . ? 1_555 ? 
36 AC6 4  HOH P . ? HOH B 40  . ? 1_555 ? 
37 AC6 4  HOH P . ? HOH B 49  . ? 1_555 ? 
38 AC7 8  HOH O . ? HOH A 107 . ? 1_555 ? 
39 AC7 8  BA  M . ? BA  B 26  . ? 1_555 ? 
40 AC7 8  BA  N . ? BA  B 27  . ? 1_555 ? 
41 AC7 8  HOH P . ? HOH B 53  . ? 1_555 ? 
42 AC7 8  HOH P . ? HOH B 70  . ? 1_555 ? 
43 AC7 8  HOH P . ? HOH B 71  . ? 1_555 ? 
44 AC7 8  HOH P . ? HOH B 104 . ? 1_555 ? 
45 AC7 8  HOH P . ? HOH B 106 . ? 1_555 ? 
46 AC8 9  BA  L . ? BA  B 25  . ? 1_555 ? 
47 AC8 9  BA  N . ? BA  B 27  . ? 1_555 ? 
48 AC8 9  HOH P . ? HOH B 37  . ? 4_455 ? 
49 AC8 9  HOH P . ? HOH B 53  . ? 1_555 ? 
50 AC8 9  HOH P . ? HOH B 71  . ? 1_555 ? 
51 AC8 9  HOH P . ? HOH B 74  . ? 1_555 ? 
52 AC8 9  HOH P . ? HOH B 104 . ? 1_555 ? 
53 AC8 9  HOH P . ? HOH B 105 . ? 1_555 ? 
54 AC8 9  HOH P . ? HOH B 106 . ? 1_555 ? 
55 AC9 7  DC  B 4 ? DC  B 14  . ? 4_455 ? 
56 AC9 7  BA  L . ? BA  B 25  . ? 1_555 ? 
57 AC9 7  BA  M . ? BA  B 26  . ? 1_555 ? 
58 AC9 7  HOH P . ? HOH B 46  . ? 4_455 ? 
59 AC9 7  HOH P . ? HOH B 106 . ? 1_555 ? 
60 AC9 7  HOH P . ? HOH B 121 . ? 1_555 ? 
61 AC9 7  HOH P . ? HOH B 123 . ? 1_555 ? 
62 BC1 3  DT  A 3 ? DT  A 3   . ? 1_555 ? 
63 BC1 3  BA  F . ? BA  A 30  . ? 1_555 ? 
64 BC1 3  HOH O . ? HOH A 134 . ? 1_555 ? 
65 BC2 2  BA  F . ? BA  A 30  . ? 1_555 ? 
66 BC2 2  HOH P . ? HOH B 91  . ? 4_555 ? 
67 BC3 4  DT  A 3 ? DT  A 3   . ? 1_555 ? 
68 BC3 4  BA  D . ? BA  A 28  . ? 1_555 ? 
69 BC3 4  BA  E . ? BA  A 29  . ? 1_555 ? 
70 BC3 4  DC  B 4 ? DC  B 14  . ? 4_555 ? 
# 
loop_
_pdbx_validate_close_contact.id 
_pdbx_validate_close_contact.PDB_model_num 
_pdbx_validate_close_contact.auth_atom_id_1 
_pdbx_validate_close_contact.auth_asym_id_1 
_pdbx_validate_close_contact.auth_comp_id_1 
_pdbx_validate_close_contact.auth_seq_id_1 
_pdbx_validate_close_contact.PDB_ins_code_1 
_pdbx_validate_close_contact.label_alt_id_1 
_pdbx_validate_close_contact.auth_atom_id_2 
_pdbx_validate_close_contact.auth_asym_id_2 
_pdbx_validate_close_contact.auth_comp_id_2 
_pdbx_validate_close_contact.auth_seq_id_2 
_pdbx_validate_close_contact.PDB_ins_code_2 
_pdbx_validate_close_contact.label_alt_id_2 
_pdbx_validate_close_contact.dist 
1 1 O  A HOH 67  ? ? O B HOH 125 ? ? 1.45 
2 1 BA B BA  26  ? ? O B HOH 106 ? ? 1.46 
3 1 O  B HOH 36  ? ? O B HOH 95  ? ? 1.60 
4 1 O  B HOH 126 ? ? O B HOH 127 ? ? 1.88 
5 1 O  B HOH 93  ? ? O B HOH 95  ? ? 1.88 
6 1 O  B HOH 71  ? ? O B HOH 115 ? ? 1.98 
7 1 O  B HOH 86  ? ? O B HOH 116 ? ? 2.12 
8 1 O  A HOH 64  ? ? O B HOH 115 ? ? 2.17 
# 
loop_
_pdbx_validate_symm_contact.id 
_pdbx_validate_symm_contact.PDB_model_num 
_pdbx_validate_symm_contact.auth_atom_id_1 
_pdbx_validate_symm_contact.auth_asym_id_1 
_pdbx_validate_symm_contact.auth_comp_id_1 
_pdbx_validate_symm_contact.auth_seq_id_1 
_pdbx_validate_symm_contact.PDB_ins_code_1 
_pdbx_validate_symm_contact.label_alt_id_1 
_pdbx_validate_symm_contact.site_symmetry_1 
_pdbx_validate_symm_contact.auth_atom_id_2 
_pdbx_validate_symm_contact.auth_asym_id_2 
_pdbx_validate_symm_contact.auth_comp_id_2 
_pdbx_validate_symm_contact.auth_seq_id_2 
_pdbx_validate_symm_contact.PDB_ins_code_2 
_pdbx_validate_symm_contact.label_alt_id_2 
_pdbx_validate_symm_contact.site_symmetry_2 
_pdbx_validate_symm_contact.dist 
1 1 O B HOH 37  ? ? 1_555 O B HOH 74  ? ? 4_555 1.06 
2 1 O B HOH 46  ? ? 1_555 O B HOH 120 ? ? 4_555 1.33 
3 1 O B HOH 46  ? ? 1_555 O B HOH 121 ? ? 4_555 1.70 
4 1 O B HOH 116 ? ? 1_555 O B HOH 120 ? ? 1_655 1.73 
5 1 O B HOH 86  ? ? 1_555 O B HOH 120 ? ? 1_655 1.92 
6 1 O B HOH 87  ? ? 1_555 O B HOH 122 ? ? 1_655 2.12 
7 1 O B HOH 42  ? ? 1_555 O B HOH 104 ? ? 4_555 2.17 
8 1 O A HOH 85  ? ? 1_555 O B HOH 108 ? ? 1_655 2.17 
# 
loop_
_pdbx_validate_rmsd_angle.id 
_pdbx_validate_rmsd_angle.PDB_model_num 
_pdbx_validate_rmsd_angle.auth_atom_id_1 
_pdbx_validate_rmsd_angle.auth_asym_id_1 
_pdbx_validate_rmsd_angle.auth_comp_id_1 
_pdbx_validate_rmsd_angle.auth_seq_id_1 
_pdbx_validate_rmsd_angle.PDB_ins_code_1 
_pdbx_validate_rmsd_angle.label_alt_id_1 
_pdbx_validate_rmsd_angle.auth_atom_id_2 
_pdbx_validate_rmsd_angle.auth_asym_id_2 
_pdbx_validate_rmsd_angle.auth_comp_id_2 
_pdbx_validate_rmsd_angle.auth_seq_id_2 
_pdbx_validate_rmsd_angle.PDB_ins_code_2 
_pdbx_validate_rmsd_angle.label_alt_id_2 
_pdbx_validate_rmsd_angle.auth_atom_id_3 
_pdbx_validate_rmsd_angle.auth_asym_id_3 
_pdbx_validate_rmsd_angle.auth_comp_id_3 
_pdbx_validate_rmsd_angle.auth_seq_id_3 
_pdbx_validate_rmsd_angle.PDB_ins_code_3 
_pdbx_validate_rmsd_angle.label_alt_id_3 
_pdbx_validate_rmsd_angle.angle_value 
_pdbx_validate_rmsd_angle.angle_target_value 
_pdbx_validate_rmsd_angle.angle_deviation 
_pdbx_validate_rmsd_angle.angle_standard_deviation 
_pdbx_validate_rmsd_angle.linker_flag 
1 1 OP1   A DA 1 ? ? P     A DA 1 ? ? OP2 A DA 1 ? ? 110.58 119.60 -9.02 1.50 N 
2 1 "C3'" A DA 1 ? ? "O3'" A DA 1 ? ? P   A DT 2 ? ? 128.27 119.70 8.57  1.20 Y 
3 1 "C3'" A DA 5 ? ? "O3'" A DA 5 ? ? P   A DT 6 ? ? 126.97 119.70 7.27  1.20 Y 
# 
loop_
_refine_B_iso.class 
_refine_B_iso.details 
_refine_B_iso.treatment 
_refine_B_iso.pdbx_refine_id 
'ALL ATOMS'  TR anisotropic 'X-RAY DIFFRACTION' 
'ALL WATERS' TR anisotropic 'X-RAY DIFFRACTION' 
# 
loop_
_refine_occupancy.class 
_refine_occupancy.treatment 
_refine_occupancy.pdbx_refine_id 
'ALL ATOMS'  fix 'X-RAY DIFFRACTION' 
'ALL WATERS' fix 'X-RAY DIFFRACTION' 
# 
loop_
_chem_comp_atom.comp_id 
_chem_comp_atom.atom_id 
_chem_comp_atom.type_symbol 
_chem_comp_atom.pdbx_aromatic_flag 
_chem_comp_atom.pdbx_stereo_config 
_chem_comp_atom.pdbx_ordinal 
BA  BA     BA N N 1   
DA  OP3    O  N N 2   
DA  P      P  N N 3   
DA  OP1    O  N N 4   
DA  OP2    O  N N 5   
DA  "O5'"  O  N N 6   
DA  "C5'"  C  N N 7   
DA  "C4'"  C  N R 8   
DA  "O4'"  O  N N 9   
DA  "C3'"  C  N S 10  
DA  "O3'"  O  N N 11  
DA  "C2'"  C  N N 12  
DA  "C1'"  C  N R 13  
DA  N9     N  Y N 14  
DA  C8     C  Y N 15  
DA  N7     N  Y N 16  
DA  C5     C  Y N 17  
DA  C6     C  Y N 18  
DA  N6     N  N N 19  
DA  N1     N  Y N 20  
DA  C2     C  Y N 21  
DA  N3     N  Y N 22  
DA  C4     C  Y N 23  
DA  HOP3   H  N N 24  
DA  HOP2   H  N N 25  
DA  "H5'"  H  N N 26  
DA  "H5''" H  N N 27  
DA  "H4'"  H  N N 28  
DA  "H3'"  H  N N 29  
DA  "HO3'" H  N N 30  
DA  "H2'"  H  N N 31  
DA  "H2''" H  N N 32  
DA  "H1'"  H  N N 33  
DA  H8     H  N N 34  
DA  H61    H  N N 35  
DA  H62    H  N N 36  
DA  H2     H  N N 37  
DC  OP3    O  N N 38  
DC  P      P  N N 39  
DC  OP1    O  N N 40  
DC  OP2    O  N N 41  
DC  "O5'"  O  N N 42  
DC  "C5'"  C  N N 43  
DC  "C4'"  C  N R 44  
DC  "O4'"  O  N N 45  
DC  "C3'"  C  N S 46  
DC  "O3'"  O  N N 47  
DC  "C2'"  C  N N 48  
DC  "C1'"  C  N R 49  
DC  N1     N  N N 50  
DC  C2     C  N N 51  
DC  O2     O  N N 52  
DC  N3     N  N N 53  
DC  C4     C  N N 54  
DC  N4     N  N N 55  
DC  C5     C  N N 56  
DC  C6     C  N N 57  
DC  HOP3   H  N N 58  
DC  HOP2   H  N N 59  
DC  "H5'"  H  N N 60  
DC  "H5''" H  N N 61  
DC  "H4'"  H  N N 62  
DC  "H3'"  H  N N 63  
DC  "HO3'" H  N N 64  
DC  "H2'"  H  N N 65  
DC  "H2''" H  N N 66  
DC  "H1'"  H  N N 67  
DC  H41    H  N N 68  
DC  H42    H  N N 69  
DC  H5     H  N N 70  
DC  H6     H  N N 71  
DT  OP3    O  N N 72  
DT  P      P  N N 73  
DT  OP1    O  N N 74  
DT  OP2    O  N N 75  
DT  "O5'"  O  N N 76  
DT  "C5'"  C  N N 77  
DT  "C4'"  C  N R 78  
DT  "O4'"  O  N N 79  
DT  "C3'"  C  N S 80  
DT  "O3'"  O  N N 81  
DT  "C2'"  C  N N 82  
DT  "C1'"  C  N R 83  
DT  N1     N  N N 84  
DT  C2     C  N N 85  
DT  O2     O  N N 86  
DT  N3     N  N N 87  
DT  C4     C  N N 88  
DT  O4     O  N N 89  
DT  C5     C  N N 90  
DT  C7     C  N N 91  
DT  C6     C  N N 92  
DT  HOP3   H  N N 93  
DT  HOP2   H  N N 94  
DT  "H5'"  H  N N 95  
DT  "H5''" H  N N 96  
DT  "H4'"  H  N N 97  
DT  "H3'"  H  N N 98  
DT  "HO3'" H  N N 99  
DT  "H2'"  H  N N 100 
DT  "H2''" H  N N 101 
DT  "H1'"  H  N N 102 
DT  H3     H  N N 103 
DT  H71    H  N N 104 
DT  H72    H  N N 105 
DT  H73    H  N N 106 
DT  H6     H  N N 107 
HOH O      O  N N 108 
HOH H1     H  N N 109 
HOH H2     H  N N 110 
NA  NA     NA N N 111 
# 
loop_
_chem_comp_bond.comp_id 
_chem_comp_bond.atom_id_1 
_chem_comp_bond.atom_id_2 
_chem_comp_bond.value_order 
_chem_comp_bond.pdbx_aromatic_flag 
_chem_comp_bond.pdbx_stereo_config 
_chem_comp_bond.pdbx_ordinal 
DA  OP3   P      sing N N 1   
DA  OP3   HOP3   sing N N 2   
DA  P     OP1    doub N N 3   
DA  P     OP2    sing N N 4   
DA  P     "O5'"  sing N N 5   
DA  OP2   HOP2   sing N N 6   
DA  "O5'" "C5'"  sing N N 7   
DA  "C5'" "C4'"  sing N N 8   
DA  "C5'" "H5'"  sing N N 9   
DA  "C5'" "H5''" sing N N 10  
DA  "C4'" "O4'"  sing N N 11  
DA  "C4'" "C3'"  sing N N 12  
DA  "C4'" "H4'"  sing N N 13  
DA  "O4'" "C1'"  sing N N 14  
DA  "C3'" "O3'"  sing N N 15  
DA  "C3'" "C2'"  sing N N 16  
DA  "C3'" "H3'"  sing N N 17  
DA  "O3'" "HO3'" sing N N 18  
DA  "C2'" "C1'"  sing N N 19  
DA  "C2'" "H2'"  sing N N 20  
DA  "C2'" "H2''" sing N N 21  
DA  "C1'" N9     sing N N 22  
DA  "C1'" "H1'"  sing N N 23  
DA  N9    C8     sing Y N 24  
DA  N9    C4     sing Y N 25  
DA  C8    N7     doub Y N 26  
DA  C8    H8     sing N N 27  
DA  N7    C5     sing Y N 28  
DA  C5    C6     sing Y N 29  
DA  C5    C4     doub Y N 30  
DA  C6    N6     sing N N 31  
DA  C6    N1     doub Y N 32  
DA  N6    H61    sing N N 33  
DA  N6    H62    sing N N 34  
DA  N1    C2     sing Y N 35  
DA  C2    N3     doub Y N 36  
DA  C2    H2     sing N N 37  
DA  N3    C4     sing Y N 38  
DC  OP3   P      sing N N 39  
DC  OP3   HOP3   sing N N 40  
DC  P     OP1    doub N N 41  
DC  P     OP2    sing N N 42  
DC  P     "O5'"  sing N N 43  
DC  OP2   HOP2   sing N N 44  
DC  "O5'" "C5'"  sing N N 45  
DC  "C5'" "C4'"  sing N N 46  
DC  "C5'" "H5'"  sing N N 47  
DC  "C5'" "H5''" sing N N 48  
DC  "C4'" "O4'"  sing N N 49  
DC  "C4'" "C3'"  sing N N 50  
DC  "C4'" "H4'"  sing N N 51  
DC  "O4'" "C1'"  sing N N 52  
DC  "C3'" "O3'"  sing N N 53  
DC  "C3'" "C2'"  sing N N 54  
DC  "C3'" "H3'"  sing N N 55  
DC  "O3'" "HO3'" sing N N 56  
DC  "C2'" "C1'"  sing N N 57  
DC  "C2'" "H2'"  sing N N 58  
DC  "C2'" "H2''" sing N N 59  
DC  "C1'" N1     sing N N 60  
DC  "C1'" "H1'"  sing N N 61  
DC  N1    C2     sing N N 62  
DC  N1    C6     sing N N 63  
DC  C2    O2     doub N N 64  
DC  C2    N3     sing N N 65  
DC  N3    C4     doub N N 66  
DC  C4    N4     sing N N 67  
DC  C4    C5     sing N N 68  
DC  N4    H41    sing N N 69  
DC  N4    H42    sing N N 70  
DC  C5    C6     doub N N 71  
DC  C5    H5     sing N N 72  
DC  C6    H6     sing N N 73  
DT  OP3   P      sing N N 74  
DT  OP3   HOP3   sing N N 75  
DT  P     OP1    doub N N 76  
DT  P     OP2    sing N N 77  
DT  P     "O5'"  sing N N 78  
DT  OP2   HOP2   sing N N 79  
DT  "O5'" "C5'"  sing N N 80  
DT  "C5'" "C4'"  sing N N 81  
DT  "C5'" "H5'"  sing N N 82  
DT  "C5'" "H5''" sing N N 83  
DT  "C4'" "O4'"  sing N N 84  
DT  "C4'" "C3'"  sing N N 85  
DT  "C4'" "H4'"  sing N N 86  
DT  "O4'" "C1'"  sing N N 87  
DT  "C3'" "O3'"  sing N N 88  
DT  "C3'" "C2'"  sing N N 89  
DT  "C3'" "H3'"  sing N N 90  
DT  "O3'" "HO3'" sing N N 91  
DT  "C2'" "C1'"  sing N N 92  
DT  "C2'" "H2'"  sing N N 93  
DT  "C2'" "H2''" sing N N 94  
DT  "C1'" N1     sing N N 95  
DT  "C1'" "H1'"  sing N N 96  
DT  N1    C2     sing N N 97  
DT  N1    C6     sing N N 98  
DT  C2    O2     doub N N 99  
DT  C2    N3     sing N N 100 
DT  N3    C4     sing N N 101 
DT  N3    H3     sing N N 102 
DT  C4    O4     doub N N 103 
DT  C4    C5     sing N N 104 
DT  C5    C7     sing N N 105 
DT  C5    C6     doub N N 106 
DT  C7    H71    sing N N 107 
DT  C7    H72    sing N N 108 
DT  C7    H73    sing N N 109 
DT  C6    H6     sing N N 110 
HOH O     H1     sing N N 111 
HOH O     H2     sing N N 112 
# 
loop_
_ndb_struct_na_base_pair.model_number 
_ndb_struct_na_base_pair.i_label_asym_id 
_ndb_struct_na_base_pair.i_label_comp_id 
_ndb_struct_na_base_pair.i_label_seq_id 
_ndb_struct_na_base_pair.i_symmetry 
_ndb_struct_na_base_pair.j_label_asym_id 
_ndb_struct_na_base_pair.j_label_comp_id 
_ndb_struct_na_base_pair.j_label_seq_id 
_ndb_struct_na_base_pair.j_symmetry 
_ndb_struct_na_base_pair.shear 
_ndb_struct_na_base_pair.stretch 
_ndb_struct_na_base_pair.stagger 
_ndb_struct_na_base_pair.buckle 
_ndb_struct_na_base_pair.propeller 
_ndb_struct_na_base_pair.opening 
_ndb_struct_na_base_pair.pair_number 
_ndb_struct_na_base_pair.pair_name 
_ndb_struct_na_base_pair.i_auth_asym_id 
_ndb_struct_na_base_pair.i_auth_seq_id 
_ndb_struct_na_base_pair.i_PDB_ins_code 
_ndb_struct_na_base_pair.j_auth_asym_id 
_ndb_struct_na_base_pair.j_auth_seq_id 
_ndb_struct_na_base_pair.j_PDB_ins_code 
_ndb_struct_na_base_pair.hbond_type_28 
_ndb_struct_na_base_pair.hbond_type_12 
1 A DA 1 1_555 B DT 2 1_555 -0.068 -0.068 -0.154 -9.418 -2.031 3.667 1 A_DA1:DT12_B A 1 ? B 12 ? 20 1 
1 A DT 2 1_555 B DA 1 1_555 -0.028 -0.070 -0.077 7.294  -1.755 2.970 2 A_DT2:DA11_B A 2 ? B 11 ? 20 1 
1 A DA 5 1_555 B DT 6 1_555 -0.067 -0.123 0.033  -4.907 -3.496 0.992 3 A_DA5:DT16_B A 5 ? B 16 ? 20 1 
1 A DT 6 1_555 B DA 5 1_555 0.083  -0.141 -0.075 7.335  -4.189 0.409 4 A_DT6:DA15_B A 6 ? B 15 ? 20 1 
# 
loop_
_ndb_struct_na_base_pair_step.model_number 
_ndb_struct_na_base_pair_step.i_label_asym_id_1 
_ndb_struct_na_base_pair_step.i_label_comp_id_1 
_ndb_struct_na_base_pair_step.i_label_seq_id_1 
_ndb_struct_na_base_pair_step.i_symmetry_1 
_ndb_struct_na_base_pair_step.j_label_asym_id_1 
_ndb_struct_na_base_pair_step.j_label_comp_id_1 
_ndb_struct_na_base_pair_step.j_label_seq_id_1 
_ndb_struct_na_base_pair_step.j_symmetry_1 
_ndb_struct_na_base_pair_step.i_label_asym_id_2 
_ndb_struct_na_base_pair_step.i_label_comp_id_2 
_ndb_struct_na_base_pair_step.i_label_seq_id_2 
_ndb_struct_na_base_pair_step.i_symmetry_2 
_ndb_struct_na_base_pair_step.j_label_asym_id_2 
_ndb_struct_na_base_pair_step.j_label_comp_id_2 
_ndb_struct_na_base_pair_step.j_label_seq_id_2 
_ndb_struct_na_base_pair_step.j_symmetry_2 
_ndb_struct_na_base_pair_step.shift 
_ndb_struct_na_base_pair_step.slide 
_ndb_struct_na_base_pair_step.rise 
_ndb_struct_na_base_pair_step.tilt 
_ndb_struct_na_base_pair_step.roll 
_ndb_struct_na_base_pair_step.twist 
_ndb_struct_na_base_pair_step.x_displacement 
_ndb_struct_na_base_pair_step.y_displacement 
_ndb_struct_na_base_pair_step.helical_rise 
_ndb_struct_na_base_pair_step.inclination 
_ndb_struct_na_base_pair_step.tip 
_ndb_struct_na_base_pair_step.helical_twist 
_ndb_struct_na_base_pair_step.step_number 
_ndb_struct_na_base_pair_step.step_name 
_ndb_struct_na_base_pair_step.i_auth_asym_id_1 
_ndb_struct_na_base_pair_step.i_auth_seq_id_1 
_ndb_struct_na_base_pair_step.i_PDB_ins_code_1 
_ndb_struct_na_base_pair_step.j_auth_asym_id_1 
_ndb_struct_na_base_pair_step.j_auth_seq_id_1 
_ndb_struct_na_base_pair_step.j_PDB_ins_code_1 
_ndb_struct_na_base_pair_step.i_auth_asym_id_2 
_ndb_struct_na_base_pair_step.i_auth_seq_id_2 
_ndb_struct_na_base_pair_step.i_PDB_ins_code_2 
_ndb_struct_na_base_pair_step.j_auth_asym_id_2 
_ndb_struct_na_base_pair_step.j_auth_seq_id_2 
_ndb_struct_na_base_pair_step.j_PDB_ins_code_2 
1 A DA 1 1_555 B DT 2 1_555 A DT 2 1_555 B DA 1 1_555 -0.314 -0.612 2.929 -1.005 0.013 24.524 -1.444 0.461 2.939 0.030 2.364  
24.544 1 AA_DA1DT2:DA11DT12_BB A 1 ? B 12 ? A 2 ? B 11 ? 
1 A DA 5 1_555 B DT 6 1_555 A DT 6 1_555 B DA 5 1_555 -0.044 -0.595 3.037 0.270  1.855 26.670 -1.730 0.160 2.989 4.016 -0.584 
26.735 2 AA_DA5DT6:DA15DT16_BB A 5 ? B 16 ? A 6 ? B 15 ? 
# 
_atom_sites.entry_id                    284D 
_atom_sites.fract_transf_matrix[1][1]   -0.04113620 
_atom_sites.fract_transf_matrix[1][2]   0.00837893 
_atom_sites.fract_transf_matrix[1][3]   -0.01240393 
_atom_sites.fract_transf_matrix[2][1]   0.01150322 
_atom_sites.fract_transf_matrix[2][2]   0.02862146 
_atom_sites.fract_transf_matrix[2][3]   -0.01881514 
_atom_sites.fract_transf_matrix[3][1]   0.00225359 
_atom_sites.fract_transf_matrix[3][2]   -0.01046675 
_atom_sites.fract_transf_matrix[3][3]   -0.01454414 
_atom_sites.fract_transf_vector[1]      -0.241647 
_atom_sites.fract_transf_vector[2]      0.475929 
_atom_sites.fract_transf_vector[3]      0.066262 
# 
loop_
_atom_type.symbol 
BA 
C  
H  
N  
NA 
O  
P  
# 
loop_
_atom_site.group_PDB 
_atom_site.id 
_atom_site.type_symbol 
_atom_site.label_atom_id 
_atom_site.label_alt_id 
_atom_site.label_comp_id 
_atom_site.label_asym_id 
_atom_site.label_entity_id 
_atom_site.label_seq_id 
_atom_site.pdbx_PDB_ins_code 
_atom_site.Cartn_x 
_atom_site.Cartn_y 
_atom_site.Cartn_z 
_atom_site.occupancy 
_atom_site.B_iso_or_equiv 
_atom_site.pdbx_formal_charge 
_atom_site.auth_seq_id 
_atom_site.auth_comp_id 
_atom_site.auth_asym_id 
_atom_site.auth_atom_id 
_atom_site.pdbx_PDB_model_num 
ATOM   1   P  P      . DA  A 1 1 ? 6.632   -1.848  -10.547 1.00 11.95 ? 1   DA  A P      1 
ATOM   2   O  OP1    . DA  A 1 1 ? 6.976   -0.384  -10.660 1.00 13.65 ? 1   DA  A OP1    1 
ATOM   3   O  OP2    . DA  A 1 1 ? 5.962   -2.332  -11.801 1.00 15.81 ? 1   DA  A OP2    1 
ATOM   4   O  "O5'"  . DA  A 1 1 ? 5.730   -2.125  -9.256  1.00 12.41 ? 1   DA  A "O5'"  1 
ATOM   5   C  "C5'"  . DA  A 1 1 ? 5.600   -3.523  -8.879  1.00 9.08  ? 1   DA  A "C5'"  1 
ATOM   6   C  "C4'"  . DA  A 1 1 ? 4.220   -3.651  -8.262  1.00 8.25  ? 1   DA  A "C4'"  1 
ATOM   7   O  "O4'"  . DA  A 1 1 ? 4.162   -2.905  -7.067  1.00 7.88  ? 1   DA  A "O4'"  1 
ATOM   8   C  "C3'"  . DA  A 1 1 ? 3.080   -3.144  -9.137  1.00 7.61  ? 1   DA  A "C3'"  1 
ATOM   9   O  "O3'"  . DA  A 1 1 ? 1.877   -3.895  -8.967  1.00 7.89  ? 1   DA  A "O3'"  1 
ATOM   10  C  "C2'"  . DA  A 1 1 ? 2.952   -1.690  -8.695  1.00 7.96  ? 1   DA  A "C2'"  1 
ATOM   11  C  "C1'"  . DA  A 1 1 ? 3.283   -1.773  -7.215  1.00 7.35  ? 1   DA  A "C1'"  1 
ATOM   12  N  N9     . DA  A 1 1 ? 3.991   -0.613  -6.680  1.00 7.56  ? 1   DA  A N9     1 
ATOM   13  C  C8     . DA  A 1 1 ? 4.879   0.214   -7.321  1.00 8.68  ? 1   DA  A C8     1 
ATOM   14  N  N7     . DA  A 1 1 ? 5.349   1.176   -6.564  1.00 8.17  ? 1   DA  A N7     1 
ATOM   15  C  C5     . DA  A 1 1 ? 4.728   0.970   -5.339  1.00 7.22  ? 1   DA  A C5     1 
ATOM   16  C  C6     . DA  A 1 1 ? 4.802   1.651   -4.112  1.00 8.04  ? 1   DA  A C6     1 
ATOM   17  N  N6     . DA  A 1 1 ? 5.566   2.726   -3.904  1.00 8.37  ? 1   DA  A N6     1 
ATOM   18  N  N1     . DA  A 1 1 ? 4.053   1.182   -3.091  1.00 7.91  ? 1   DA  A N1     1 
ATOM   19  C  C2     . DA  A 1 1 ? 3.285   0.108   -3.297  1.00 7.65  ? 1   DA  A C2     1 
ATOM   20  N  N3     . DA  A 1 1 ? 3.131   -0.619  -4.403  1.00 7.18  ? 1   DA  A N3     1 
ATOM   21  C  C4     . DA  A 1 1 ? 3.889   -0.128  -5.396  1.00 7.50  ? 1   DA  A C4     1 
ATOM   22  H  "H5'"  . DA  A 1 1 ? 6.285   -3.769  -8.237  1.00 13.62 ? 1   DA  A "H5'"  1 
ATOM   23  H  "H5''" . DA  A 1 1 ? 5.682   -4.096  -9.657  1.00 13.62 ? 1   DA  A "H5''" 1 
ATOM   24  H  "H4'"  . DA  A 1 1 ? 4.057   -4.594  -8.051  1.00 12.38 ? 1   DA  A "H4'"  1 
ATOM   25  H  "H3'"  . DA  A 1 1 ? 3.353   -3.174  -10.077 1.00 11.42 ? 1   DA  A "H3'"  1 
ATOM   26  H  "H2'"  . DA  A 1 1 ? 3.581   -1.122  -9.167  1.00 11.94 ? 1   DA  A "H2'"  1 
ATOM   27  H  "H2''" . DA  A 1 1 ? 2.052   -1.356  -8.837  1.00 11.94 ? 1   DA  A "H2''" 1 
ATOM   28  H  "H1'"  . DA  A 1 1 ? 2.462   -1.923  -6.702  1.00 11.03 ? 1   DA  A "H1'"  1 
ATOM   29  H  H8     . DA  A 1 1 ? 5.127   0.100   -8.211  1.00 13.02 ? 1   DA  A H8     1 
ATOM   30  H  H61    . DA  A 1 1 ? 5.575   3.103   -3.132  1.00 12.56 ? 1   DA  A H61    1 
ATOM   31  H  H62    . DA  A 1 1 ? 6.050   3.039   -4.543  1.00 12.56 ? 1   DA  A H62    1 
ATOM   32  H  H2     . DA  A 1 1 ? 2.786   -0.173  -2.564  1.00 11.48 ? 1   DA  A H2     1 
ATOM   33  P  P      . DT  A 1 2 ? 0.452   -3.663  -9.670  1.00 6.89  ? 2   DT  A P      1 
ATOM   34  O  OP1    . DT  A 1 2 ? -0.108  -5.014  -9.967  1.00 7.59  ? 2   DT  A OP1    1 
ATOM   35  O  OP2    . DT  A 1 2 ? 0.674   -2.857  -10.900 1.00 8.29  ? 2   DT  A OP2    1 
ATOM   36  O  "O5'"  . DT  A 1 2 ? -0.396  -2.876  -8.571  1.00 6.96  ? 2   DT  A "O5'"  1 
ATOM   37  C  "C5'"  . DT  A 1 2 ? -0.691  -3.557  -7.328  1.00 8.13  ? 2   DT  A "C5'"  1 
ATOM   38  C  "C4'"  . DT  A 1 2 ? -1.237  -2.530  -6.363  1.00 9.00  ? 2   DT  A "C4'"  1 
ATOM   39  O  "O4'"  . DT  A 1 2 ? -0.234  -1.595  -6.012  1.00 9.01  ? 2   DT  A "O4'"  1 
ATOM   40  C  "C3'"  . DT  A 1 2 ? -2.430  -1.724  -6.846  1.00 10.13 ? 2   DT  A "C3'"  1 
ATOM   41  O  "O3'"  . DT  A 1 2 ? -3.659  -2.123  -6.223  1.00 11.06 ? 2   DT  A "O3'"  1 
ATOM   42  C  "C2'"  . DT  A 1 2 ? -2.081  -0.274  -6.531  1.00 10.27 ? 2   DT  A "C2'"  1 
ATOM   43  C  "C1'"  . DT  A 1 2 ? -0.928  -0.406  -5.552  1.00 8.98  ? 2   DT  A "C1'"  1 
ATOM   44  N  N1     . DT  A 1 2 ? 0.035   0.700   -5.561  1.00 9.42  ? 2   DT  A N1     1 
ATOM   45  C  C2     . DT  A 1 2 ? 0.316   1.326   -4.366  1.00 9.28  ? 2   DT  A C2     1 
ATOM   46  O  O2     . DT  A 1 2 ? -0.200  1.001   -3.308  1.00 8.55  ? 2   DT  A O2     1 
ATOM   47  N  N3     . DT  A 1 2 ? 1.226   2.349   -4.455  1.00 10.11 ? 2   DT  A N3     1 
ATOM   48  C  C4     . DT  A 1 2 ? 1.867   2.800   -5.592  1.00 9.52  ? 2   DT  A C4     1 
ATOM   49  O  O4     . DT  A 1 2 ? 2.662   3.732   -5.515  1.00 10.16 ? 2   DT  A O4     1 
ATOM   50  C  C5     . DT  A 1 2 ? 1.526   2.101   -6.810  1.00 10.02 ? 2   DT  A C5     1 
ATOM   51  C  C7     . DT  A 1 2 ? 2.172   2.521   -8.091  1.00 10.98 ? 2   DT  A C7     1 
ATOM   52  C  C6     . DT  A 1 2 ? 0.641   1.100   -6.733  1.00 9.85  ? 2   DT  A C6     1 
ATOM   53  H  "H5'"  . DT  A 1 2 ? 0.114   -3.961  -6.968  1.00 12.19 ? 2   DT  A "H5'"  1 
ATOM   54  H  "H5''" . DT  A 1 2 ? -1.345  -4.257  -7.477  1.00 12.19 ? 2   DT  A "H5''" 1 
ATOM   55  H  "H4'"  . DT  A 1 2 ? -1.506  -3.001  -5.547  1.00 13.49 ? 2   DT  A "H4'"  1 
ATOM   56  H  "H3'"  . DT  A 1 2 ? -2.515  -1.829  -7.817  1.00 15.20 ? 2   DT  A "H3'"  1 
ATOM   57  H  "H2'"  . DT  A 1 2 ? -1.809  0.201   -7.332  1.00 15.41 ? 2   DT  A "H2'"  1 
ATOM   58  H  "H2''" . DT  A 1 2 ? -2.832  0.187   -6.127  1.00 15.41 ? 2   DT  A "H2''" 1 
ATOM   59  H  "H1'"  . DT  A 1 2 ? -1.270  -0.546  -4.645  1.00 13.47 ? 2   DT  A "H1'"  1 
ATOM   60  H  H3     . DT  A 1 2 ? 1.417   2.755   -3.721  1.00 15.16 ? 2   DT  A H3     1 
ATOM   61  H  H71    . DT  A 1 2 ? 2.766   3.256   -7.925  1.00 16.47 ? 2   DT  A H71    1 
ATOM   62  H  H72    . DT  A 1 2 ? 1.495   2.793   -8.716  1.00 16.47 ? 2   DT  A H72    1 
ATOM   63  H  H73    . DT  A 1 2 ? 2.668   1.785   -8.457  1.00 16.47 ? 2   DT  A H73    1 
ATOM   64  H  H6     . DT  A 1 2 ? 0.421   0.648   -7.515  1.00 14.78 ? 2   DT  A H6     1 
ATOM   65  P  P      . DT  A 1 3 ? -4.834  -2.868  -7.031  1.00 12.64 ? 3   DT  A P      1 
ATOM   66  O  OP1    . DT  A 1 3 ? -4.188  -3.830  -7.963  1.00 16.60 ? 3   DT  A OP1    1 
ATOM   67  O  OP2    . DT  A 1 3 ? -5.612  -1.816  -7.746  1.00 15.47 ? 3   DT  A OP2    1 
ATOM   68  O  "O5'"  . DT  A 1 3 ? -5.683  -3.584  -5.886  1.00 11.66 ? 3   DT  A "O5'"  1 
ATOM   69  C  "C5'"  . DT  A 1 3 ? -5.156  -4.791  -5.281  1.00 10.25 ? 3   DT  A "C5'"  1 
ATOM   70  C  "C4'"  . DT  A 1 3 ? -6.090  -5.158  -4.147  1.00 10.36 ? 3   DT  A "C4'"  1 
ATOM   71  O  "O4'"  . DT  A 1 3 ? -5.914  -4.273  -3.063  1.00 8.68  ? 3   DT  A "O4'"  1 
ATOM   72  C  "C3'"  . DT  A 1 3 ? -7.573  -5.138  -4.490  1.00 9.24  ? 3   DT  A "C3'"  1 
ATOM   73  O  "O3'"  . DT  A 1 3 ? -8.312  -6.185  -3.854  1.00 10.20 ? 3   DT  A "O3'"  1 
ATOM   74  C  "C2'"  . DT  A 1 3 ? -8.005  -3.757  -4.000  1.00 8.95  ? 3   DT  A "C2'"  1 
ATOM   75  C  "C1'"  . DT  A 1 3 ? -7.163  -3.633  -2.735  1.00 7.84  ? 3   DT  A "C1'"  1 
ATOM   76  N  N1     . DT  A 1 3 ? -6.869  -2.243  -2.356  1.00 7.61  ? 3   DT  A N1     1 
ATOM   77  C  C2     . DT  A 1 3 ? -7.631  -1.672  -1.361  1.00 7.22  ? 3   DT  A C2     1 
ATOM   78  O  O2     . DT  A 1 3 ? -8.530  -2.268  -0.790  1.00 7.49  ? 3   DT  A O2     1 
ATOM   79  N  N3     . DT  A 1 3 ? -7.301  -0.375  -1.064  1.00 7.15  ? 3   DT  A N3     1 
ATOM   80  C  C4     . DT  A 1 3 ? -6.305  0.387   -1.648  1.00 7.34  ? 3   DT  A C4     1 
ATOM   81  O  O4     . DT  A 1 3 ? -6.122  1.542   -1.274  1.00 8.00  ? 3   DT  A O4     1 
ATOM   82  C  C5     . DT  A 1 3 ? -5.543  -0.276  -2.680  1.00 7.41  ? 3   DT  A C5     1 
ATOM   83  C  C7     . DT  A 1 3 ? -4.445  0.470   -3.368  1.00 8.20  ? 3   DT  A C7     1 
ATOM   84  C  C6     . DT  A 1 3 ? -5.860  -1.542  -2.979  1.00 6.93  ? 3   DT  A C6     1 
ATOM   85  H  "H5'"  . DT  A 1 3 ? -4.261  -4.634  -4.942  1.00 15.38 ? 3   DT  A "H5'"  1 
ATOM   86  H  "H5''" . DT  A 1 3 ? -5.119  -5.508  -5.933  1.00 15.38 ? 3   DT  A "H5''" 1 
ATOM   87  H  "H4'"  . DT  A 1 3 ? -5.861  -6.062  -3.844  1.00 15.55 ? 3   DT  A "H4'"  1 
ATOM   88  H  "H3'"  . DT  A 1 3 ? -7.689  -5.196  -5.461  1.00 13.85 ? 3   DT  A "H3'"  1 
ATOM   89  H  "H2'"  . DT  A 1 3 ? -7.789  -3.065  -4.645  1.00 13.43 ? 3   DT  A "H2'"  1 
ATOM   90  H  "H2''" . DT  A 1 3 ? -8.955  -3.728  -3.803  1.00 13.43 ? 3   DT  A "H2''" 1 
ATOM   91  H  "H1'"  . DT  A 1 3 ? -7.599  -4.101  -1.992  1.00 11.76 ? 3   DT  A "H1'"  1 
ATOM   92  H  H3     . DT  A 1 3 ? -7.762  0.007   -0.447  1.00 10.72 ? 3   DT  A H3     1 
ATOM   93  H  H71    . DT  A 1 3 ? -4.395  1.362   -3.015  1.00 12.30 ? 3   DT  A H71    1 
ATOM   94  H  H72    . DT  A 1 3 ? -4.624  0.509   -4.310  1.00 12.30 ? 3   DT  A H72    1 
ATOM   95  H  H73    . DT  A 1 3 ? -3.610  0.021   -3.218  1.00 12.30 ? 3   DT  A H73    1 
ATOM   96  H  H6     . DT  A 1 3 ? -5.373  -1.971  -3.646  1.00 10.39 ? 3   DT  A H6     1 
ATOM   97  P  P      . DC  A 1 4 ? -9.338  -7.068  -4.725  1.00 9.67  ? 4   DC  A P      1 
ATOM   98  O  OP1    . DC  A 1 4 ? -10.135 -6.138  -5.570  1.00 11.33 ? 4   DC  A OP1    1 
ATOM   99  O  OP2    . DC  A 1 4 ? -10.181 -7.821  -3.754  1.00 11.08 ? 4   DC  A OP2    1 
ATOM   100 O  "O5'"  . DC  A 1 4 ? -8.389  -8.020  -5.584  1.00 10.33 ? 4   DC  A "O5'"  1 
ATOM   101 C  "C5'"  . DC  A 1 4 ? -7.778  -9.159  -4.927  1.00 10.81 ? 4   DC  A "C5'"  1 
ATOM   102 C  "C4'"  . DC  A 1 4 ? -6.949  -9.881  -5.965  1.00 11.55 ? 4   DC  A "C4'"  1 
ATOM   103 O  "O4'"  . DC  A 1 4 ? -7.773  -10.366 -7.004  1.00 12.16 ? 4   DC  A "O4'"  1 
ATOM   104 C  "C3'"  . DC  A 1 4 ? -5.868  -9.048  -6.640  1.00 11.27 ? 4   DC  A "C3'"  1 
ATOM   105 O  "O3'"  . DC  A 1 4 ? -4.722  -9.817  -7.018  1.00 11.32 ? 4   DC  A "O3'"  1 
ATOM   106 C  "C2'"  . DC  A 1 4 ? -6.621  -8.490  -7.849  1.00 11.68 ? 4   DC  A "C2'"  1 
ATOM   107 C  "C1'"  . DC  A 1 4 ? -7.463  -9.694  -8.244  1.00 11.79 ? 4   DC  A "C1'"  1 
ATOM   108 N  N1     . DC  A 1 4 ? -8.741  -9.387  -8.893  1.00 12.57 ? 4   DC  A N1     1 
ATOM   109 C  C2     . DC  A 1 4 ? -8.766  -9.199  -10.277 1.00 12.56 ? 4   DC  A C2     1 
ATOM   110 O  O2     . DC  A 1 4 ? -7.705  -9.296  -10.912 1.00 12.70 ? 4   DC  A O2     1 
ATOM   111 N  N3     . DC  A 1 4 ? -9.940  -8.916  -10.887 1.00 13.31 ? 4   DC  A N3     1 
ATOM   112 C  C4     . DC  A 1 4 ? -11.059 -8.819  -10.167 1.00 13.13 ? 4   DC  A C4     1 
ATOM   113 N  N4     . DC  A 1 4 ? -12.193 -8.538  -10.814 1.00 13.72 ? 4   DC  A N4     1 
ATOM   114 C  C5     . DC  A 1 4 ? -11.064 -9.004  -8.755  1.00 13.63 ? 4   DC  A C5     1 
ATOM   115 C  C6     . DC  A 1 4 ? -9.895  -9.284  -8.165  1.00 12.82 ? 4   DC  A C6     1 
ATOM   116 H  "H5'"  . DC  A 1 4 ? -8.462  -9.749  -4.571  1.00 16.21 ? 4   DC  A "H5'"  1 
ATOM   117 H  "H5''" . DC  A 1 4 ? -7.215  -8.863  -4.193  1.00 16.21 ? 4   DC  A "H5''" 1 
ATOM   118 H  "H4'"  . DC  A 1 4 ? -6.519  -10.649 -5.533  1.00 17.32 ? 4   DC  A "H4'"  1 
ATOM   119 H  "H3'"  . DC  A 1 4 ? -5.596  -8.315  -6.050  1.00 16.90 ? 4   DC  A "H3'"  1 
ATOM   120 H  "H2'"  . DC  A 1 4 ? -7.176  -7.732  -7.605  1.00 17.51 ? 4   DC  A "H2'"  1 
ATOM   121 H  "H2''" . DC  A 1 4 ? -6.014  -8.229  -8.560  1.00 17.51 ? 4   DC  A "H2''" 1 
ATOM   122 H  "H1'"  . DC  A 1 4 ? -6.936  -10.289 -8.818  1.00 17.68 ? 4   DC  A "H1'"  1 
ATOM   123 H  H41    . DC  A 1 4 ? -12.187 -8.425  -11.666 1.00 20.58 ? 4   DC  A H41    1 
ATOM   124 H  H42    . DC  A 1 4 ? -12.931 -8.469  -10.377 1.00 20.58 ? 4   DC  A H42    1 
ATOM   125 H  H5     . DC  A 1 4 ? -11.849 -8.932  -8.261  1.00 20.44 ? 4   DC  A H5     1 
ATOM   126 H  H6     . DC  A 1 4 ? -9.867  -9.412  -7.244  1.00 19.22 ? 4   DC  A H6     1 
ATOM   127 P  P      . DA  A 1 5 ? -3.524  -10.159 -6.000  1.00 11.25 ? 5   DA  A P      1 
ATOM   128 O  OP1    . DA  A 1 5 ? -2.739  -11.275 -6.603  1.00 12.35 ? 5   DA  A OP1    1 
ATOM   129 O  OP2    . DA  A 1 5 ? -4.128  -10.533 -4.692  1.00 11.91 ? 5   DA  A OP2    1 
ATOM   130 O  "O5'"  . DA  A 1 5 ? -2.690  -8.801  -5.919  1.00 10.84 ? 5   DA  A "O5'"  1 
ATOM   131 C  "C5'"  . DA  A 1 5 ? -2.414  -8.086  -7.149  1.00 9.19  ? 5   DA  A "C5'"  1 
ATOM   132 C  "C4'"  . DA  A 1 5 ? -1.248  -7.164  -6.873  1.00 8.40  ? 5   DA  A "C4'"  1 
ATOM   133 O  "O4'"  . DA  A 1 5 ? -1.603  -6.178  -5.930  1.00 7.31  ? 5   DA  A "O4'"  1 
ATOM   134 C  "C3'"  . DA  A 1 5 ? 0.007   -7.830  -6.324  1.00 6.87  ? 5   DA  A "C3'"  1 
ATOM   135 O  "O3'"  . DA  A 1 5 ? 1.206   -7.178  -6.752  1.00 6.52  ? 5   DA  A "O3'"  1 
ATOM   136 C  "C2'"  . DA  A 1 5 ? -0.217  -7.738  -4.818  1.00 7.18  ? 5   DA  A "C2'"  1 
ATOM   137 C  "C1'"  . DA  A 1 5 ? -0.903  -6.390  -4.684  1.00 7.02  ? 5   DA  A "C1'"  1 
ATOM   138 N  N9     . DA  A 1 5 ? -1.910  -6.315  -3.629  1.00 6.72  ? 5   DA  A N9     1 
ATOM   139 C  C8     . DA  A 1 5 ? -2.741  -7.313  -3.181  1.00 6.93  ? 5   DA  A C8     1 
ATOM   140 N  N7     . DA  A 1 5 ? -3.545  -6.939  -2.215  1.00 6.69  ? 5   DA  A N7     1 
ATOM   141 C  C5     . DA  A 1 5 ? -3.220  -5.604  -2.009  1.00 6.13  ? 5   DA  A C5     1 
ATOM   142 C  C6     . DA  A 1 5 ? -3.713  -4.638  -1.117  1.00 6.04  ? 5   DA  A C6     1 
ATOM   143 N  N6     . DA  A 1 5 ? -4.682  -4.876  -0.228  1.00 6.84  ? 5   DA  A N6     1 
ATOM   144 N  N1     . DA  A 1 5 ? -3.171  -3.402  -1.169  1.00 5.50  ? 5   DA  A N1     1 
ATOM   145 C  C2     . DA  A 1 5 ? -2.205  -3.164  -2.062  1.00 6.08  ? 5   DA  A C2     1 
ATOM   146 N  N3     . DA  A 1 5 ? -1.655  -3.988  -2.951  1.00 5.93  ? 5   DA  A N3     1 
ATOM   147 C  C4     . DA  A 1 5 ? -2.214  -5.207  -2.873  1.00 6.33  ? 5   DA  A C4     1 
ATOM   148 H  "H5'"  . DA  A 1 5 ? -3.191  -7.574  -7.422  1.00 13.78 ? 5   DA  A "H5'"  1 
ATOM   149 H  "H5''" . DA  A 1 5 ? -2.190  -8.709  -7.858  1.00 13.78 ? 5   DA  A "H5''" 1 
ATOM   150 H  "H4'"  . DA  A 1 5 ? -1.013  -6.712  -7.711  1.00 12.60 ? 5   DA  A "H4'"  1 
ATOM   151 H  "H3'"  . DA  A 1 5 ? 0.029   -8.772  -6.598  1.00 10.31 ? 5   DA  A "H3'"  1 
ATOM   152 H  "H2'"  . DA  A 1 5 ? -0.785  -8.458  -4.500  1.00 10.77 ? 5   DA  A "H2'"  1 
ATOM   153 H  "H2''" . DA  A 1 5 ? 0.622   -7.757  -4.333  1.00 10.77 ? 5   DA  A "H2''" 1 
ATOM   154 H  "H1'"  . DA  A 1 5 ? -0.234  -5.687  -4.556  1.00 10.53 ? 5   DA  A "H1'"  1 
ATOM   155 H  H8     . DA  A 1 5 ? -2.735  -8.173  -3.532  1.00 10.39 ? 5   DA  A H8     1 
ATOM   156 H  H61    . DA  A 1 5 ? -4.947  -4.247  0.297   1.00 10.27 ? 5   DA  A H61    1 
ATOM   157 H  H62    . DA  A 1 5 ? -5.040  -5.655  -0.179  1.00 10.27 ? 5   DA  A H62    1 
ATOM   158 H  H2     . DA  A 1 5 ? -1.869  -2.298  -2.061  1.00 9.13  ? 5   DA  A H2     1 
ATOM   159 P  P      . DT  A 1 6 ? 2.714   -7.578  -6.367  1.00 6.67  ? 6   DT  A P      1 
ATOM   160 O  OP1    . DT  A 1 6 ? 3.571   -7.230  -7.531  1.00 7.31  ? 6   DT  A OP1    1 
ATOM   161 O  OP2    . DT  A 1 6 ? 2.727   -9.033  -6.053  1.00 7.43  ? 6   DT  A OP2    1 
ATOM   162 O  "O5'"  . DT  A 1 6 ? 3.031   -6.684  -5.081  1.00 7.16  ? 6   DT  A "O5'"  1 
ATOM   163 C  "C5'"  . DT  A 1 6 ? 3.211   -5.261  -5.278  1.00 6.57  ? 6   DT  A "C5'"  1 
ATOM   164 C  "C4'"  . DT  A 1 6 ? 3.269   -4.615  -3.914  1.00 7.55  ? 6   DT  A "C4'"  1 
ATOM   165 O  "O4'"  . DT  A 1 6 ? 2.035   -4.769  -3.236  1.00 7.56  ? 6   DT  A "O4'"  1 
ATOM   166 C  "C3'"  . DT  A 1 6 ? 4.336   -5.142  -2.968  1.00 8.44  ? 6   DT  A "C3'"  1 
ATOM   167 O  "O3'"  . DT  A 1 6 ? 5.500   -4.306  -2.929  1.00 9.43  ? 6   DT  A "O3'"  1 
ATOM   168 C  "C2'"  . DT  A 1 6 ? 3.650   -5.228  -1.612  1.00 8.12  ? 6   DT  A "C2'"  1 
ATOM   169 C  "C1'"  . DT  A 1 6 ? 2.320   -4.535  -1.833  1.00 7.52  ? 6   DT  A "C1'"  1 
ATOM   170 N  N1     . DT  A 1 6 ? 1.191   -5.061  -1.060  1.00 7.30  ? 6   DT  A N1     1 
ATOM   171 C  C2     . DT  A 1 6 ? 0.493   -4.186  -0.256  1.00 7.50  ? 6   DT  A C2     1 
ATOM   172 O  O2     . DT  A 1 6 ? 0.775   -3.003  -0.161  1.00 7.99  ? 6   DT  A O2     1 
ATOM   173 N  N3     . DT  A 1 6 ? -0.548  -4.752  0.437   1.00 7.55  ? 6   DT  A N3     1 
ATOM   174 C  C4     . DT  A 1 6 ? -0.953  -6.073  0.408   1.00 7.94  ? 6   DT  A C4     1 
ATOM   175 O  O4     . DT  A 1 6 ? -1.908  -6.434  1.089   1.00 8.73  ? 6   DT  A O4     1 
ATOM   176 C  C5     . DT  A 1 6 ? -0.178  -6.934  -0.456  1.00 8.35  ? 6   DT  A C5     1 
ATOM   177 C  C7     . DT  A 1 6 ? -0.543  -8.382  -0.554  1.00 9.12  ? 6   DT  A C7     1 
ATOM   178 C  C6     . DT  A 1 6 ? 0.840   -6.392  -1.136  1.00 8.10  ? 6   DT  A C6     1 
ATOM   179 H  "H5'"  . DT  A 1 6 ? 2.471   -4.898  -5.789  1.00 9.85  ? 6   DT  A "H5'"  1 
ATOM   180 H  "H5''" . DT  A 1 6 ? 4.033   -5.092  -5.764  1.00 9.85  ? 6   DT  A "H5''" 1 
ATOM   181 H  "H4'"  . DT  A 1 6 ? 3.426   -3.656  -4.041  1.00 11.33 ? 6   DT  A "H4'"  1 
ATOM   182 H  "H3'"  . DT  A 1 6 ? 4.598   -6.042  -3.252  1.00 12.66 ? 6   DT  A "H3'"  1 
ATOM   183 H  "H2'"  . DT  A 1 6 ? 3.521   -6.152  -1.347  1.00 12.18 ? 6   DT  A "H2'"  1 
ATOM   184 H  "H2''" . DT  A 1 6 ? 4.170   -4.774  -0.930  1.00 12.18 ? 6   DT  A "H2''" 1 
ATOM   185 H  "H1'"  . DT  A 1 6 ? 2.415   -3.574  -1.671  1.00 11.28 ? 6   DT  A "H1'"  1 
ATOM   186 H  H3     . DT  A 1 6 ? -0.998  -4.225  0.947   1.00 11.33 ? 6   DT  A H3     1 
ATOM   187 H  H71    . DT  A 1 6 ? -1.298  -8.561  0.013   1.00 13.68 ? 6   DT  A H71    1 
ATOM   188 H  H72    . DT  A 1 6 ? 0.202   -8.919  -0.275  1.00 13.68 ? 6   DT  A H72    1 
ATOM   189 H  H73    . DT  A 1 6 ? -0.768  -8.595  -1.463  1.00 13.68 ? 6   DT  A H73    1 
ATOM   190 H  H6     . DT  A 1 6 ? 1.339   -6.946  -1.693  1.00 12.15 ? 6   DT  A H6     1 
ATOM   191 P  P      . DT  A 1 7 ? 6.990   -4.780  -3.303  1.00 11.55 ? 7   DT  A P      1 
ATOM   192 O  OP1    . DT  A 1 7 ? 6.876   -5.894  -4.286  1.00 14.05 ? 7   DT  A OP1    1 
ATOM   193 O  OP2    . DT  A 1 7 ? 7.648   -5.215  -2.034  1.00 12.09 ? 7   DT  A OP2    1 
ATOM   194 O  "O5'"  . DT  A 1 7 ? 7.664   -3.474  -3.921  1.00 12.29 ? 7   DT  A "O5'"  1 
ATOM   195 C  "C5'"  . DT  A 1 7 ? 7.252   -3.013  -5.231  1.00 14.37 ? 7   DT  A "C5'"  1 
ATOM   196 C  "C4'"  . DT  A 1 7 ? 7.781   -1.607  -5.410  1.00 17.38 ? 7   DT  A "C4'"  1 
ATOM   197 O  "O4'"  . DT  A 1 7 ? 7.169   -0.726  -4.493  1.00 16.67 ? 7   DT  A "O4'"  1 
ATOM   198 C  "C3'"  . DT  A 1 7 ? 9.284   -1.440  -5.244  1.00 16.80 ? 7   DT  A "C3'"  1 
ATOM   199 O  "O3'"  . DT  A 1 7 ? 9.857   -0.508  -6.166  1.00 17.47 ? 7   DT  A "O3'"  1 
ATOM   200 C  "C2'"  . DT  A 1 7 ? 9.404   -0.959  -3.800  1.00 16.36 ? 7   DT  A "C2'"  1 
ATOM   201 C  "C1'"  . DT  A 1 7 ? 8.169   -0.071  -3.686  1.00 15.36 ? 7   DT  A "C1'"  1 
ATOM   202 N  N1     . DT  A 1 7 ? 7.633   0.028   -2.322  1.00 15.16 ? 7   DT  A N1     1 
ATOM   203 C  C2     . DT  A 1 7 ? 8.169   0.973   -1.477  1.00 15.32 ? 7   DT  A C2     1 
ATOM   204 O  O2     . DT  A 1 7 ? 9.068   1.728   -1.806  1.00 16.19 ? 7   DT  A O2     1 
ATOM   205 N  N3     . DT  A 1 7 ? 7.613   0.998   -0.222  1.00 14.93 ? 7   DT  A N3     1 
ATOM   206 C  C4     . DT  A 1 7 ? 6.599   0.190   0.258   1.00 14.09 ? 7   DT  A C4     1 
ATOM   207 O  O4     . DT  A 1 7 ? 6.203   0.326   1.412   1.00 14.50 ? 7   DT  A O4     1 
ATOM   208 C  C5     . DT  A 1 7 ? 6.083   -0.777  -0.682  1.00 14.84 ? 7   DT  A C5     1 
ATOM   209 C  C7     . DT  A 1 7 ? 4.982   -1.695  -0.253  1.00 12.39 ? 7   DT  A C7     1 
ATOM   210 C  C6     . DT  A 1 7 ? 6.620   -0.809  -1.908  1.00 15.29 ? 7   DT  A C6     1 
ATOM   211 H  "H5'"  . DT  A 1 7 ? 6.284   -3.017  -5.299  1.00 21.55 ? 7   DT  A "H5'"  1 
ATOM   212 H  "H5''" . DT  A 1 7 ? 7.610   -3.595  -5.919  1.00 21.55 ? 7   DT  A "H5''" 1 
ATOM   213 H  "H4'"  . DT  A 1 7 ? 7.545   -1.310  -6.314  1.00 26.07 ? 7   DT  A "H4'"  1 
ATOM   214 H  "H3'"  . DT  A 1 7 ? 9.724   -2.311  -5.338  1.00 25.19 ? 7   DT  A "H3'"  1 
ATOM   215 H  "H2'"  . DT  A 1 7 ? 9.370   -1.698  -3.172  1.00 24.54 ? 7   DT  A "H2'"  1 
ATOM   216 H  "H2''" . DT  A 1 7 ? 10.220  -0.454  -3.658  1.00 24.54 ? 7   DT  A "H2''" 1 
ATOM   217 H  "H1'"  . DT  A 1 7 ? 8.360   0.823   -4.042  1.00 23.04 ? 7   DT  A "H1'"  1 
ATOM   218 H  H3     . DT  A 1 7 ? 7.928   1.582   0.326   1.00 22.40 ? 7   DT  A H3     1 
ATOM   219 H  H71    . DT  A 1 7 ? 4.764   -1.525  0.666   1.00 18.59 ? 7   DT  A H71    1 
ATOM   220 H  H72    . DT  A 1 7 ? 5.270   -2.607  -0.350  1.00 18.59 ? 7   DT  A H72    1 
ATOM   221 H  H73    . DT  A 1 7 ? 4.208   -1.545  -0.799  1.00 18.59 ? 7   DT  A H73    1 
ATOM   222 H  H6     . DT  A 1 7 ? 6.290   -1.432  -2.516  1.00 22.94 ? 7   DT  A H6     1 
ATOM   223 P  P      . DC  A 1 8 ? 11.398  -0.674  -6.607  1.00 17.03 ? 8   DC  A P      1 
ATOM   224 O  OP1    . DC  A 1 8 ? 12.079  -1.463  -5.547  1.00 17.08 ? 8   DC  A OP1    1 
ATOM   225 O  OP2    . DC  A 1 8 ? 11.958  0.702   -6.745  1.00 18.05 ? 8   DC  A OP2    1 
ATOM   226 O  "O5'"  . DC  A 1 8 ? 11.308  -1.445  -8.000  1.00 15.51 ? 8   DC  A "O5'"  1 
ATOM   227 C  "C5'"  . DC  A 1 8 ? 10.958  -0.643  -9.156  1.00 15.06 ? 8   DC  A "C5'"  1 
ATOM   228 C  "C4'"  . DC  A 1 8 ? 10.209  -1.533  -10.119 1.00 14.65 ? 8   DC  A "C4'"  1 
ATOM   229 O  "O4'"  . DC  A 1 8 ? 11.089  -2.425  -10.764 1.00 15.01 ? 8   DC  A "O4'"  1 
ATOM   230 C  "C3'"  . DC  A 1 8 ? 9.113   -2.401  -9.516  1.00 14.54 ? 8   DC  A "C3'"  1 
ATOM   231 O  "O3'"  . DC  A 1 8 ? 8.031   -2.623  -10.434 1.00 13.27 ? 8   DC  A "O3'"  1 
ATOM   232 C  "C2'"  . DC  A 1 8 ? 9.862   -3.680  -9.172  1.00 15.04 ? 8   DC  A "C2'"  1 
ATOM   233 C  "C1'"  . DC  A 1 8 ? 10.864  -3.776  -10.310 1.00 14.86 ? 8   DC  A "C1'"  1 
ATOM   234 N  N1     . DC  A 1 8 ? 12.182  -4.293  -9.914  1.00 16.80 ? 8   DC  A N1     1 
ATOM   235 C  C2     . DC  A 1 8 ? 12.503  -5.621  -10.196 1.00 16.76 ? 8   DC  A C2     1 
ATOM   236 O  O2     . DC  A 1 8 ? 11.667  -6.330  -10.777 1.00 16.78 ? 8   DC  A O2     1 
ATOM   237 N  N3     . DC  A 1 8 ? 13.717  -6.098  -9.833  1.00 17.71 ? 8   DC  A N3     1 
ATOM   238 C  C4     . DC  A 1 8 ? 14.586  -5.298  -9.212  1.00 18.12 ? 8   DC  A C4     1 
ATOM   239 N  N4     . DC  A 1 8 ? 15.772  -5.810  -8.871  1.00 19.18 ? 8   DC  A N4     1 
ATOM   240 C  C5     . DC  A 1 8 ? 14.284  -3.940  -8.911  1.00 18.34 ? 8   DC  A C5     1 
ATOM   241 C  C6     . DC  A 1 8 ? 13.081  -3.480  -9.277  1.00 17.68 ? 8   DC  A C6     1 
ATOM   242 H  "H5'"  . DC  A 1 8 ? 11.760  -0.294  -9.575  1.00 22.59 ? 8   DC  A "H5'"  1 
ATOM   243 H  "H5''" . DC  A 1 8 ? 10.401  0.104   -8.888  1.00 22.59 ? 8   DC  A "H5''" 1 
ATOM   244 H  "H4'"  . DC  A 1 8 ? 9.801   -0.961  -10.803 1.00 21.98 ? 8   DC  A "H4'"  1 
ATOM   245 H  "H3'"  . DC  A 1 8 ? 8.773   -1.985  -8.697  1.00 21.81 ? 8   DC  A "H3'"  1 
ATOM   246 H  "H2'"  . DC  A 1 8 ? 10.308  -3.609  -8.314  1.00 22.56 ? 8   DC  A "H2'"  1 
ATOM   247 H  "H2''" . DC  A 1 8 ? 9.267   -4.446  -9.160  1.00 22.56 ? 8   DC  A "H2''" 1 
ATOM   248 H  "H1'"  . DC  A 1 8 ? 10.496  -4.318  -11.039 1.00 22.29 ? 8   DC  A "H1'"  1 
ATOM   249 H  H41    . DC  A 1 8 ? 15.955  -6.631  -9.053  1.00 28.77 ? 8   DC  A H41    1 
ATOM   250 H  H42    . DC  A 1 8 ? 16.353  -5.319  -8.469  1.00 28.77 ? 8   DC  A H42    1 
ATOM   251 H  H5     . DC  A 1 8 ? 14.898  -3.392  -8.479  1.00 27.51 ? 8   DC  A H5     1 
ATOM   252 H  H6     . DC  A 1 8 ? 12.852  -2.598  -9.095  1.00 26.53 ? 8   DC  A H6     1 
ATOM   253 P  P      . DA  B 1 1 ? 3.043   9.522   3.708   1.00 12.66 ? 11  DA  B P      1 
ATOM   254 O  OP1    . DA  B 1 1 ? 4.375   9.250   3.070   1.00 14.81 ? 11  DA  B OP1    1 
ATOM   255 O  OP2    . DA  B 1 1 ? 3.139   9.535   5.196   1.00 13.00 ? 11  DA  B OP2    1 
ATOM   256 O  "O5'"  . DA  B 1 1 ? 1.916   8.527   3.173   1.00 12.16 ? 11  DA  B "O5'"  1 
ATOM   257 C  "C5'"  . DA  B 1 1 ? 0.588   8.606   3.755   1.00 10.44 ? 11  DA  B "C5'"  1 
ATOM   258 C  "C4'"  . DA  B 1 1 ? 0.196   7.171   4.056   1.00 10.40 ? 11  DA  B "C4'"  1 
ATOM   259 O  "O4'"  . DA  B 1 1 ? 0.162   6.427   2.858   1.00 10.30 ? 11  DA  B "O4'"  1 
ATOM   260 C  "C3'"  . DA  B 1 1 ? 1.157   6.429   4.977   1.00 10.11 ? 11  DA  B "C3'"  1 
ATOM   261 O  "O3'"  . DA  B 1 1 ? 0.513   5.433   5.773   1.00 9.00  ? 11  DA  B "O3'"  1 
ATOM   262 C  "C2'"  . DA  B 1 1 ? 2.159   5.847   3.987   1.00 9.37  ? 11  DA  B "C2'"  1 
ATOM   263 C  "C1'"  . DA  B 1 1 ? 1.274   5.511   2.799   1.00 9.69  ? 11  DA  B "C1'"  1 
ATOM   264 N  N9     . DA  B 1 1 ? 1.907   5.693   1.496   1.00 9.88  ? 11  DA  B N9     1 
ATOM   265 C  C8     . DA  B 1 1 ? 2.807   6.659   1.118   1.00 10.88 ? 11  DA  B C8     1 
ATOM   266 N  N7     . DA  B 1 1 ? 3.198   6.560   -0.130  1.00 11.10 ? 11  DA  B N7     1 
ATOM   267 C  C5     . DA  B 1 1 ? 2.508   5.454   -0.610  1.00 10.15 ? 11  DA  B C5     1 
ATOM   268 C  C6     . DA  B 1 1 ? 2.485   4.825   -1.865  1.00 10.75 ? 11  DA  B C6     1 
ATOM   269 N  N6     . DA  B 1 1 ? 3.201   5.238   -2.915  1.00 13.98 ? 11  DA  B N6     1 
ATOM   270 N  N1     . DA  B 1 1 ? 1.687   3.744   -2.011  1.00 10.68 ? 11  DA  B N1     1 
ATOM   271 C  C2     . DA  B 1 1 ? 0.969   3.335   -0.961  1.00 11.16 ? 11  DA  B C2     1 
ATOM   272 N  N3     . DA  B 1 1 ? 0.907   3.839   0.270   1.00 9.43  ? 11  DA  B N3     1 
ATOM   273 C  C4     . DA  B 1 1 ? 1.709   4.911   0.382   1.00 9.71  ? 11  DA  B C4     1 
ATOM   274 H  "H5'"  . DA  B 1 1 ? -0.036  9.007   3.130   1.00 15.65 ? 11  DA  B "H5'"  1 
ATOM   275 H  "H5''" . DA  B 1 1 ? 0.601   9.136   4.566   1.00 15.65 ? 11  DA  B "H5''" 1 
ATOM   276 H  "H4'"  . DA  B 1 1 ? -0.697  7.164   4.459   1.00 15.59 ? 11  DA  B "H4'"  1 
ATOM   277 H  "H3'"  . DA  B 1 1 ? 1.610   7.071   5.563   1.00 15.17 ? 11  DA  B "H3'"  1 
ATOM   278 H  "H2'"  . DA  B 1 1 ? 2.839   6.498   3.748   1.00 14.06 ? 11  DA  B "H2'"  1 
ATOM   279 H  "H2''" . DA  B 1 1 ? 2.590   5.054   4.343   1.00 14.06 ? 11  DA  B "H2''" 1 
ATOM   280 H  "H1'"  . DA  B 1 1 ? 0.948   4.590   2.881   1.00 14.54 ? 11  DA  B "H1'"  1 
ATOM   281 H  H8     . DA  B 1 1 ? 3.112   7.322   1.693   1.00 16.32 ? 11  DA  B H8     1 
ATOM   282 H  H61    . DA  B 1 1 ? 3.149   4.817   -3.663  1.00 20.97 ? 11  DA  B H61    1 
ATOM   283 H  H62    . DA  B 1 1 ? 3.715   5.924   -2.842  1.00 20.97 ? 11  DA  B H62    1 
ATOM   284 H  H2     . DA  B 1 1 ? 0.433   2.588   -1.111  1.00 16.74 ? 11  DA  B H2     1 
ATOM   285 P  P      . DT  B 1 2 ? 1.286   4.520   6.847   1.00 9.24  ? 12  DT  B P      1 
ATOM   286 O  OP1    . DT  B 1 2 ? 0.325   4.223   7.947   1.00 10.89 ? 12  DT  B OP1    1 
ATOM   287 O  OP2    . DT  B 1 2 ? 2.471   5.289   7.320   1.00 10.79 ? 12  DT  B OP2    1 
ATOM   288 O  "O5'"  . DT  B 1 2 ? 1.695   3.216   6.023   1.00 8.49  ? 12  DT  B "O5'"  1 
ATOM   289 C  "C5'"  . DT  B 1 2 ? 0.609   2.454   5.440   1.00 7.78  ? 12  DT  B "C5'"  1 
ATOM   290 C  "C4'"  . DT  B 1 2 ? 1.228   1.457   4.488   1.00 7.22  ? 12  DT  B "C4'"  1 
ATOM   291 O  "O4'"  . DT  B 1 2 ? 1.745   2.122   3.345   1.00 7.01  ? 12  DT  B "O4'"  1 
ATOM   292 C  "C3'"  . DT  B 1 2 ? 2.375   0.628   5.044   1.00 7.79  ? 12  DT  B "C3'"  1 
ATOM   293 O  "O3'"  . DT  B 1 2 ? 1.972   -0.692  5.428   1.00 7.51  ? 12  DT  B "O3'"  1 
ATOM   294 C  "C2'"  . DT  B 1 2 ? 3.416   0.606   3.932   1.00 7.86  ? 12  DT  B "C2'"  1 
ATOM   295 C  "C1'"  . DT  B 1 2 ? 2.666   1.178   2.742   1.00 7.53  ? 12  DT  B "C1'"  1 
ATOM   296 N  N1     . DT  B 1 2 ? 3.481   1.893   1.759   1.00 7.54  ? 12  DT  B N1     1 
ATOM   297 C  C2     . DT  B 1 2 ? 3.371   1.510   0.439   1.00 7.67  ? 12  DT  B C2     1 
ATOM   298 O  O2     . DT  B 1 2 ? 2.632   0.610   0.074   1.00 7.40  ? 12  DT  B O2     1 
ATOM   299 N  N3     . DT  B 1 2 ? 4.159   2.218   -0.433  1.00 8.87  ? 12  DT  B N3     1 
ATOM   300 C  C4     . DT  B 1 2 ? 5.027   3.248   -0.127  1.00 9.17  ? 12  DT  B C4     1 
ATOM   301 O  O4     . DT  B 1 2 ? 5.671   3.787   -1.021  1.00 10.52 ? 12  DT  B O4     1 
ATOM   302 C  C5     . DT  B 1 2 ? 5.093   3.600   1.274   1.00 9.38  ? 12  DT  B C5     1 
ATOM   303 C  C7     . DT  B 1 2 ? 6.006   4.706   1.700   1.00 9.80  ? 12  DT  B C7     1 
ATOM   304 C  C6     . DT  B 1 2 ? 4.327   2.914   2.132   1.00 7.86  ? 12  DT  B C6     1 
ATOM   305 H  "H5'"  . DT  B 1 2 ? 0.002   3.041   4.963   1.00 11.67 ? 12  DT  B "H5'"  1 
ATOM   306 H  "H5''" . DT  B 1 2 ? 0.111   1.993   6.133   1.00 11.67 ? 12  DT  B "H5''" 1 
ATOM   307 H  "H4'"  . DT  B 1 2 ? 0.525   0.842   4.191   1.00 10.83 ? 12  DT  B "H4'"  1 
ATOM   308 H  "H3'"  . DT  B 1 2 ? 2.751   1.087   5.824   1.00 11.69 ? 12  DT  B "H3'"  1 
ATOM   309 H  "H2'"  . DT  B 1 2 ? 4.182   1.156   4.160   1.00 11.80 ? 12  DT  B "H2'"  1 
ATOM   310 H  "H2''" . DT  B 1 2 ? 3.717   -0.298  3.755   1.00 11.80 ? 12  DT  B "H2''" 1 
ATOM   311 H  "H1'"  . DT  B 1 2 ? 2.163   0.464   2.296   1.00 11.30 ? 12  DT  B "H1'"  1 
ATOM   312 H  H3     . DT  B 1 2 ? 4.107   1.995   -1.262  1.00 13.30 ? 12  DT  B H3     1 
ATOM   313 H  H71    . DT  B 1 2 ? 6.474   5.048   0.934   1.00 14.70 ? 12  DT  B H71    1 
ATOM   314 H  H72    . DT  B 1 2 ? 6.640   4.369   2.339   1.00 14.70 ? 12  DT  B H72    1 
ATOM   315 H  H73    . DT  B 1 2 ? 5.491   5.410   2.101   1.00 14.70 ? 12  DT  B H73    1 
ATOM   316 H  H6     . DT  B 1 2 ? 4.370   3.140   3.034   1.00 11.79 ? 12  DT  B H6     1 
ATOM   317 P  P      . DT  B 1 3 ? 2.300   -1.365  6.851   1.00 7.79  ? 13  DT  B P      1 
ATOM   318 O  OP1    . DT  B 1 3 ? 2.408   -0.268  7.851   1.00 9.86  ? 13  DT  B OP1    1 
ATOM   319 O  OP2    . DT  B 1 3 ? 3.576   -2.127  6.705   1.00 8.46  ? 13  DT  B OP2    1 
ATOM   320 O  "O5'"  . DT  B 1 3 ? 1.052   -2.324  7.113   1.00 9.20  ? 13  DT  B "O5'"  1 
ATOM   321 C  "C5'"  . DT  B 1 3 ? -0.261  -1.723  7.243   1.00 10.54 ? 13  DT  B "C5'"  1 
ATOM   322 C  "C4'"  . DT  B 1 3 ? -1.281  -2.816  7.003   1.00 10.58 ? 13  DT  B "C4'"  1 
ATOM   323 O  "O4'"  . DT  B 1 3 ? -1.208  -3.275  5.671   1.00 10.56 ? 13  DT  B "O4'"  1 
ATOM   324 C  "C3'"  . DT  B 1 3 ? -1.155  -4.043  7.895   1.00 10.85 ? 13  DT  B "C3'"  1 
ATOM   325 O  "O3'"  . DT  B 1 3 ? -2.418  -4.597  8.270   1.00 10.97 ? 13  DT  B "O3'"  1 
ATOM   326 C  "C2'"  . DT  B 1 3 ? -0.352  -5.002  7.021   1.00 10.50 ? 13  DT  B "C2'"  1 
ATOM   327 C  "C1'"  . DT  B 1 3 ? -0.930  -4.690  5.642   1.00 10.66 ? 13  DT  B "C1'"  1 
ATOM   328 N  N1     . DT  B 1 3 ? 0.031   -4.925  4.552   1.00 10.66 ? 13  DT  B N1     1 
ATOM   329 C  C2     . DT  B 1 3 ? 0.077   -6.172  3.976   1.00 11.04 ? 13  DT  B C2     1 
ATOM   330 O  O2     . DT  B 1 3 ? -0.642  -7.094  4.323   1.00 13.31 ? 13  DT  B O2     1 
ATOM   331 N  N3     . DT  B 1 3 ? 1.004   -6.302  2.970   1.00 11.27 ? 13  DT  B N3     1 
ATOM   332 C  C4     . DT  B 1 3 ? 1.864   -5.328  2.498   1.00 10.35 ? 13  DT  B C4     1 
ATOM   333 O  O4     . DT  B 1 3 ? 2.645   -5.589  1.588   1.00 11.00 ? 13  DT  B O4     1 
ATOM   334 C  C5     . DT  B 1 3 ? 1.758   -4.042  3.148   1.00 10.08 ? 13  DT  B C5     1 
ATOM   335 C  C7     . DT  B 1 3 ? 2.649   -2.926  2.704   1.00 10.06 ? 13  DT  B C7     1 
ATOM   336 C  C6     . DT  B 1 3 ? 0.860   -3.908  4.131   1.00 9.79  ? 13  DT  B C6     1 
ATOM   337 H  "H5'"  . DT  B 1 3 ? -0.370  -1.012  6.593   1.00 15.82 ? 13  DT  B "H5'"  1 
ATOM   338 H  "H5''" . DT  B 1 3 ? -0.373  -1.349  8.131   1.00 15.82 ? 13  DT  B "H5''" 1 
ATOM   339 H  "H4'"  . DT  B 1 3 ? -2.171  -2.432  7.142   1.00 15.86 ? 13  DT  B "H4'"  1 
ATOM   340 H  "H3'"  . DT  B 1 3 ? -0.640  -3.816  8.698   1.00 16.28 ? 13  DT  B "H3'"  1 
ATOM   341 H  "H2'"  . DT  B 1 3 ? 0.598   -4.812  7.061   1.00 15.75 ? 13  DT  B "H2'"  1 
ATOM   342 H  "H2''" . DT  B 1 3 ? -0.507  -5.927  7.271   1.00 15.75 ? 13  DT  B "H2''" 1 
ATOM   343 H  "H1'"  . DT  B 1 3 ? -1.753  -5.200  5.490   1.00 15.99 ? 13  DT  B "H1'"  1 
ATOM   344 H  H3     . DT  B 1 3 ? 1.055   -7.073  2.593   1.00 16.91 ? 13  DT  B H3     1 
ATOM   345 H  H71    . DT  B 1 3 ? 3.238   -3.241  2.013   1.00 15.09 ? 13  DT  B H71    1 
ATOM   346 H  H72    . DT  B 1 3 ? 3.168   -2.614  3.449   1.00 15.09 ? 13  DT  B H72    1 
ATOM   347 H  H73    . DT  B 1 3 ? 2.115   -2.205  2.363   1.00 15.09 ? 13  DT  B H73    1 
ATOM   348 H  H6     . DT  B 1 3 ? 0.791   -3.082  4.552   1.00 14.69 ? 13  DT  B H6     1 
ATOM   349 P  P      . DC  B 1 4 ? -2.623  -5.494  9.590   1.00 7.55  ? 14  DC  B P      1 
ATOM   350 O  OP1    . DC  B 1 4 ? -1.298  -5.716  10.222  1.00 7.57  ? 14  DC  B OP1    1 
ATOM   351 O  OP2    . DC  B 1 4 ? -3.267  -6.770  9.150   1.00 9.87  ? 14  DC  B OP2    1 
ATOM   352 O  "O5'"  . DC  B 1 4 ? -3.595  -4.608  10.495  1.00 9.62  ? 14  DC  B "O5'"  1 
ATOM   353 C  "C5'"  . DC  B 1 4 ? -4.833  -4.165  9.884   1.00 8.36  ? 14  DC  B "C5'"  1 
ATOM   354 C  "C4'"  . DC  B 1 4 ? -5.306  -2.967  10.682  1.00 7.54  ? 14  DC  B "C4'"  1 
ATOM   355 O  "O4'"  . DC  B 1 4 ? -5.519  -3.336  12.028  1.00 8.26  ? 14  DC  B "O4'"  1 
ATOM   356 C  "C3'"  . DC  B 1 4 ? -4.351  -1.782  10.704  1.00 7.31  ? 14  DC  B "C3'"  1 
ATOM   357 O  "O3'"  . DC  B 1 4 ? -5.017  -0.518  10.711  1.00 6.77  ? 14  DC  B "O3'"  1 
ATOM   358 C  "C2'"  . DC  B 1 4 ? -3.570  -2.020  11.997  1.00 7.84  ? 14  DC  B "C2'"  1 
ATOM   359 C  "C1'"  . DC  B 1 4 ? -4.677  -2.556  12.900  1.00 8.87  ? 14  DC  B "C1'"  1 
ATOM   360 N  N1     . DC  B 1 4 ? -4.199  -3.441  13.968  1.00 10.11 ? 14  DC  B N1     1 
ATOM   361 C  C2     . DC  B 1 4 ? -4.179  -2.960  15.281  1.00 10.20 ? 14  DC  B C2     1 
ATOM   362 O  O2     . DC  B 1 4 ? -4.563  -1.802  15.502  1.00 10.46 ? 14  DC  B O2     1 
ATOM   363 N  N3     . DC  B 1 4 ? -3.737  -3.766  16.273  1.00 11.70 ? 14  DC  B N3     1 
ATOM   364 C  C4     . DC  B 1 4 ? -3.333  -5.006  15.995  1.00 11.77 ? 14  DC  B C4     1 
ATOM   365 N  N4     . DC  B 1 4 ? -2.909  -5.764  17.010  1.00 13.15 ? 14  DC  B N4     1 
ATOM   366 C  C5     . DC  B 1 4 ? -3.342  -5.522  14.668  1.00 11.88 ? 14  DC  B C5     1 
ATOM   367 C  C6     . DC  B 1 4 ? -3.780  -4.714  13.694  1.00 10.90 ? 14  DC  B C6     1 
ATOM   368 H  "H5'"  . DC  B 1 4 ? -5.497  -4.872  9.912   1.00 12.54 ? 14  DC  B "H5'"  1 
ATOM   369 H  "H5''" . DC  B 1 4 ? -4.685  -3.917  8.958   1.00 12.54 ? 14  DC  B "H5''" 1 
ATOM   370 H  "H4'"  . DC  B 1 4 ? -6.160  -2.666  10.308  1.00 11.32 ? 14  DC  B "H4'"  1 
ATOM   371 H  "H3'"  . DC  B 1 4 ? -3.743  -1.832  9.936   1.00 10.97 ? 14  DC  B "H3'"  1 
ATOM   372 H  "H2'"  . DC  B 1 4 ? -2.862  -2.671  11.873  1.00 11.75 ? 14  DC  B "H2'"  1 
ATOM   373 H  "H2''" . DC  B 1 4 ? -3.193  -1.195  12.343  1.00 11.75 ? 14  DC  B "H2''" 1 
ATOM   374 H  "H1'"  . DC  B 1 4 ? -5.187  -1.812  13.283  1.00 13.30 ? 14  DC  B "H1'"  1 
ATOM   375 H  H41    . DC  B 1 4 ? -2.904  -5.449  17.810  1.00 19.72 ? 14  DC  B H41    1 
ATOM   376 H  H42    . DC  B 1 4 ? -2.641  -6.568  16.863  1.00 19.72 ? 14  DC  B H42    1 
ATOM   377 H  H5     . DC  B 1 4 ? -3.055  -6.387  14.484  1.00 17.82 ? 14  DC  B H5     1 
ATOM   378 H  H6     . DC  B 1 4 ? -3.800  -5.023  12.817  1.00 16.35 ? 14  DC  B H6     1 
ATOM   379 P  P      . DA  B 1 5 ? -5.699  0.188   9.441   1.00 6.93  ? 15  DA  B P      1 
ATOM   380 O  OP1    . DA  B 1 5 ? -6.234  1.497   9.934   1.00 8.08  ? 15  DA  B OP1    1 
ATOM   381 O  OP2    . DA  B 1 5 ? -6.771  -0.706  8.931   1.00 7.92  ? 15  DA  B OP2    1 
ATOM   382 O  "O5'"  . DA  B 1 5 ? -4.508  0.375   8.397   1.00 7.46  ? 15  DA  B "O5'"  1 
ATOM   383 C  "C5'"  . DA  B 1 5 ? -3.354  1.179   8.741   1.00 6.67  ? 15  DA  B "C5'"  1 
ATOM   384 C  "C4'"  . DA  B 1 5 ? -2.853  1.827   7.470   1.00 6.70  ? 15  DA  B "C4'"  1 
ATOM   385 O  "O4'"  . DA  B 1 5 ? -2.401  0.856   6.557   1.00 6.51  ? 15  DA  B "O4'"  1 
ATOM   386 C  "C3'"  . DA  B 1 5 ? -3.857  2.695   6.727   1.00 7.10  ? 15  DA  B "C3'"  1 
ATOM   387 O  "O3'"  . DA  B 1 5 ? -3.274  3.891   6.198   1.00 7.76  ? 15  DA  B "O3'"  1 
ATOM   388 C  "C2'"  . DA  B 1 5 ? -4.376  1.757   5.643   1.00 6.62  ? 15  DA  B "C2'"  1 
ATOM   389 C  "C1'"  . DA  B 1 5 ? -3.136  0.941   5.316   1.00 6.95  ? 15  DA  B "C1'"  1 
ATOM   390 N  N9     . DA  B 1 5 ? -3.403  -0.433  4.902   1.00 6.43  ? 15  DA  B N9     1 
ATOM   391 C  C8     . DA  B 1 5 ? -4.366  -1.281  5.395   1.00 6.40  ? 15  DA  B C8     1 
ATOM   392 N  N7     . DA  B 1 5 ? -4.371  -2.462  4.827   1.00 6.62  ? 15  DA  B N7     1 
ATOM   393 C  C5     . DA  B 1 5 ? -3.342  -2.390  3.898   1.00 6.30  ? 15  DA  B C5     1 
ATOM   394 C  C6     . DA  B 1 5 ? -2.838  -3.323  2.976   1.00 6.98  ? 15  DA  B C6     1 
ATOM   395 N  N6     . DA  B 1 5 ? -3.321  -4.560  2.836   1.00 7.59  ? 15  DA  B N6     1 
ATOM   396 N  N1     . DA  B 1 5 ? -1.805  -2.937  2.195   1.00 6.85  ? 15  DA  B N1     1 
ATOM   397 C  C2     . DA  B 1 5 ? -1.322  -1.698  2.341   1.00 7.16  ? 15  DA  B C2     1 
ATOM   398 N  N3     . DA  B 1 5 ? -1.712  -0.731  3.168   1.00 7.23  ? 15  DA  B N3     1 
ATOM   399 C  C4     . DA  B 1 5 ? -2.737  -1.146  3.932   1.00 6.24  ? 15  DA  B C4     1 
ATOM   400 H  "H5'"  . DA  B 1 5 ? -2.660  0.621   9.128   1.00 10.01 ? 15  DA  B "H5'"  1 
ATOM   401 H  "H5''" . DA  B 1 5 ? -3.599  1.857   9.389   1.00 10.01 ? 15  DA  B "H5''" 1 
ATOM   402 H  "H4'"  . DA  B 1 5 ? -2.088  2.393   7.706   1.00 10.05 ? 15  DA  B "H4'"  1 
ATOM   403 H  "H3'"  . DA  B 1 5 ? -4.592  2.932   7.331   1.00 10.65 ? 15  DA  B "H3'"  1 
ATOM   404 H  "H2'"  . DA  B 1 5 ? -5.092  1.194   5.976   1.00 9.93  ? 15  DA  B "H2'"  1 
ATOM   405 H  "H2''" . DA  B 1 5 ? -4.689  2.250   4.869   1.00 9.93  ? 15  DA  B "H2''" 1 
ATOM   406 H  "H1'"  . DA  B 1 5 ? -2.599  1.400   4.637   1.00 10.42 ? 15  DA  B "H1'"  1 
ATOM   407 H  H8     . DA  B 1 5 ? -4.960  -1.039  6.069   1.00 9.61  ? 15  DA  B H8     1 
ATOM   408 H  H61    . DA  B 1 5 ? -2.975  -5.093  2.258   1.00 11.39 ? 15  DA  B H61    1 
ATOM   409 H  H62    . DA  B 1 5 ? -3.977  -4.822  3.326   1.00 11.39 ? 15  DA  B H62    1 
ATOM   410 H  H2     . DA  B 1 5 ? -0.611  -1.481  1.783   1.00 10.74 ? 15  DA  B H2     1 
ATOM   411 P  P      . DT  B 1 6 ? -4.083  5.027   5.399   1.00 8.63  ? 16  DT  B P      1 
ATOM   412 O  OP1    . DT  B 1 6 ? -3.479  6.339   5.770   1.00 9.66  ? 16  DT  B OP1    1 
ATOM   413 O  OP2    . DT  B 1 6 ? -5.513  4.927   5.812   1.00 9.69  ? 16  DT  B OP2    1 
ATOM   414 O  "O5'"  . DT  B 1 6 ? -3.866  4.657   3.865   1.00 8.75  ? 16  DT  B "O5'"  1 
ATOM   415 C  "C5'"  . DT  B 1 6 ? -2.527  4.738   3.312   1.00 9.18  ? 16  DT  B "C5'"  1 
ATOM   416 C  "C4'"  . DT  B 1 6 ? -2.590  4.105   1.938   1.00 10.34 ? 16  DT  B "C4'"  1 
ATOM   417 O  "O4'"  . DT  B 1 6 ? -2.837  2.712   2.057   1.00 8.86  ? 16  DT  B "O4'"  1 
ATOM   418 C  "C3'"  . DT  B 1 6 ? -3.680  4.632   1.019   1.00 10.55 ? 16  DT  B "C3'"  1 
ATOM   419 O  "O3'"  . DT  B 1 6 ? -3.224  5.664   0.135   1.00 15.15 ? 16  DT  B "O3'"  1 
ATOM   420 C  "C2'"  . DT  B 1 6 ? -4.181  3.409   0.266   1.00 9.41  ? 16  DT  B "C2'"  1 
ATOM   421 C  "C1'"  . DT  B 1 6 ? -3.299  2.277   0.756   1.00 8.12  ? 16  DT  B "C1'"  1 
ATOM   422 N  N1     . DT  B 1 6 ? -3.976  0.987   0.921   1.00 7.30  ? 16  DT  B N1     1 
ATOM   423 C  C2     . DT  B 1 6 ? -3.501  -0.084  0.195   1.00 6.89  ? 16  DT  B C2     1 
ATOM   424 O  O2     . DT  B 1 6 ? -2.551  0.002   -0.567  1.00 7.36  ? 16  DT  B O2     1 
ATOM   425 N  N3     . DT  B 1 6 ? -4.177  -1.260  0.396   1.00 6.43  ? 16  DT  B N3     1 
ATOM   426 C  C4     . DT  B 1 6 ? -5.257  -1.469  1.232   1.00 6.02  ? 16  DT  B C4     1 
ATOM   427 O  O4     . DT  B 1 6 ? -5.766  -2.584  1.303   1.00 6.09  ? 16  DT  B O4     1 
ATOM   428 C  C5     . DT  B 1 6 ? -5.703  -0.306  1.964   1.00 6.29  ? 16  DT  B C5     1 
ATOM   429 C  C7     . DT  B 1 6 ? -6.868  -0.438  2.893   1.00 6.90  ? 16  DT  B C7     1 
ATOM   430 C  C6     . DT  B 1 6 ? -5.050  0.847   1.773   1.00 6.64  ? 16  DT  B C6     1 
ATOM   431 H  "H5'"  . DT  B 1 6 ? -1.898  4.260   3.876   1.00 13.78 ? 16  DT  B "H5'"  1 
ATOM   432 H  "H5''" . DT  B 1 6 ? -2.244  5.663   3.245   1.00 13.78 ? 16  DT  B "H5''" 1 
ATOM   433 H  "H4'"  . DT  B 1 6 ? -1.724  4.231   1.497   1.00 15.51 ? 16  DT  B "H4'"  1 
ATOM   434 H  "H3'"  . DT  B 1 6 ? -4.411  4.986   1.567   1.00 15.82 ? 16  DT  B "H3'"  1 
ATOM   435 H  "H2'"  . DT  B 1 6 ? -5.113  3.236   0.471   1.00 14.11 ? 16  DT  B "H2'"  1 
ATOM   436 H  "H2''" . DT  B 1 6 ? -4.086  3.532   -0.692  1.00 14.11 ? 16  DT  B "H2''" 1 
ATOM   437 H  "H1'"  . DT  B 1 6 ? -2.533  2.173   0.152   1.00 12.19 ? 16  DT  B "H1'"  1 
ATOM   438 H  H3     . DT  B 1 6 ? -3.899  -1.942  -0.047  1.00 9.64  ? 16  DT  B H3     1 
ATOM   439 H  H71    . DT  B 1 6 ? -7.193  -1.341  2.872   1.00 10.34 ? 16  DT  B H71    1 
ATOM   440 H  H72    . DT  B 1 6 ? -7.566  0.161   2.618   1.00 10.34 ? 16  DT  B H72    1 
ATOM   441 H  H73    . DT  B 1 6 ? -6.591  -0.220  3.786   1.00 10.34 ? 16  DT  B H73    1 
ATOM   442 H  H6     . DT  B 1 6 ? -5.337  1.597   2.242   1.00 9.96  ? 16  DT  B H6     1 
ATOM   443 P  P      . DT  B 1 7 ? -3.979  7.076   -0.033  1.00 16.32 ? 17  DT  B P      1 
ATOM   444 O  OP1    . DT  B 1 7 ? -4.639  7.382   1.271   1.00 16.58 ? 17  DT  B OP1    1 
ATOM   445 O  OP2    . DT  B 1 7 ? -4.961  6.927   -1.142  1.00 18.53 ? 17  DT  B OP2    1 
ATOM   446 O  "O5'"  . DT  B 1 7 ? -2.803  8.095   -0.377  1.00 18.09 ? 17  DT  B "O5'"  1 
ATOM   447 C  "C5'"  . DT  B 1 7 ? -1.825  8.255   0.684   1.00 18.66 ? 17  DT  B "C5'"  1 
ATOM   448 C  "C4'"  . DT  B 1 7 ? -0.492  8.492   0.004   1.00 18.43 ? 17  DT  B "C4'"  1 
ATOM   449 O  "O4'"  . DT  B 1 7 ? -0.145  7.376   -0.787  1.00 18.30 ? 17  DT  B "O4'"  1 
ATOM   450 C  "C3'"  . DT  B 1 7 ? -0.438  9.716   -0.897  1.00 19.14 ? 17  DT  B "C3'"  1 
ATOM   451 O  "O3'"  . DT  B 1 7 ? 0.759   10.481  -0.738  1.00 19.45 ? 17  DT  B "O3'"  1 
ATOM   452 C  "C2'"  . DT  B 1 7 ? -0.569  9.120   -2.295  1.00 19.23 ? 17  DT  B "C2'"  1 
ATOM   453 C  "C1'"  . DT  B 1 7 ? 0.180   7.803   -2.125  1.00 19.45 ? 17  DT  B "C1'"  1 
ATOM   454 N  N1     . DT  B 1 7 ? -0.240  6.746   -3.053  1.00 20.75 ? 17  DT  B N1     1 
ATOM   455 C  C2     . DT  B 1 7 ? 0.294   6.762   -4.323  1.00 21.10 ? 17  DT  B C2     1 
ATOM   456 O  O2     . DT  B 1 7 ? 1.089   7.610   -4.693  1.00 24.05 ? 17  DT  B O2     1 
ATOM   457 N  N3     . DT  B 1 7 ? -0.139  5.750   -5.142  1.00 22.14 ? 17  DT  B N3     1 
ATOM   458 C  C4     . DT  B 1 7 ? -1.032  4.745   -4.824  1.00 20.70 ? 17  DT  B C4     1 
ATOM   459 O  O4     . DT  B 1 7 ? -1.329  3.902   -5.667  1.00 19.72 ? 17  DT  B O4     1 
ATOM   460 C  C5     . DT  B 1 7 ? -1.553  4.787   -3.477  1.00 20.01 ? 17  DT  B C5     1 
ATOM   461 C  C7     . DT  B 1 7 ? -2.528  3.737   -3.045  1.00 17.04 ? 17  DT  B C7     1 
ATOM   462 C  C6     . DT  B 1 7 ? -1.137  5.772   -2.671  1.00 19.74 ? 17  DT  B C6     1 
ATOM   463 H  "H5'"  . DT  B 1 7 ? -1.788  7.458   1.235   1.00 27.98 ? 17  DT  B "H5'"  1 
ATOM   464 H  "H5''" . DT  B 1 7 ? -2.056  9.011   1.248   1.00 27.98 ? 17  DT  B "H5''" 1 
ATOM   465 H  "H4'"  . DT  B 1 7 ? 0.191   8.595   0.700   1.00 27.64 ? 17  DT  B "H4'"  1 
ATOM   466 H  "H3'"  . DT  B 1 7 ? -1.214  10.287  -0.714  1.00 28.72 ? 17  DT  B "H3'"  1 
ATOM   467 H  "H2'"  . DT  B 1 7 ? -1.497  8.973   -2.534  1.00 28.84 ? 17  DT  B "H2'"  1 
ATOM   468 H  "H2''" . DT  B 1 7 ? -0.150  9.683   -2.964  1.00 28.84 ? 17  DT  B "H2''" 1 
ATOM   469 H  "H1'"  . DT  B 1 7 ? 1.145   7.954   -2.202  1.00 29.17 ? 17  DT  B "H1'"  1 
ATOM   470 H  H3     . DT  B 1 7 ? 0.180   5.741   -5.940  1.00 33.20 ? 17  DT  B H3     1 
ATOM   471 H  H71    . DT  B 1 7 ? -2.716  3.152   -3.783  1.00 25.56 ? 17  DT  B H71    1 
ATOM   472 H  H72    . DT  B 1 7 ? -3.342  4.157   -2.754  1.00 25.56 ? 17  DT  B H72    1 
ATOM   473 H  H73    . DT  B 1 7 ? -2.153  3.231   -2.322  1.00 25.56 ? 17  DT  B H73    1 
ATOM   474 H  H6     . DT  B 1 7 ? -1.472  5.800   -1.803  1.00 29.61 ? 17  DT  B H6     1 
ATOM   475 P  P      . DC  B 1 8 ? 1.306   11.551  -1.812  1.00 15.59 ? 18  DC  B P      1 
ATOM   476 O  OP1    . DC  B 1 8 ? 0.164   12.424  -2.190  1.00 16.48 ? 18  DC  B OP1    1 
ATOM   477 O  OP2    . DC  B 1 8 ? 1.846   10.782  -2.967  1.00 19.53 ? 18  DC  B OP2    1 
ATOM   478 O  "O5'"  . DC  B 1 8 ? 2.446   12.324  -1.004  1.00 16.06 ? 18  DC  B "O5'"  1 
ATOM   479 C  "C5'"  . DC  B 1 8 ? 3.405   11.440  -0.369  1.00 14.08 ? 18  DC  B "C5'"  1 
ATOM   480 C  "C4'"  . DC  B 1 8 ? 3.495   11.855  1.085   1.00 14.69 ? 18  DC  B "C4'"  1 
ATOM   481 O  "O4'"  . DC  B 1 8 ? 3.658   13.252  1.185   1.00 14.76 ? 18  DC  B "O4'"  1 
ATOM   482 C  "C3'"  . DC  B 1 8 ? 2.299   11.491  1.950   1.00 13.27 ? 18  DC  B "C3'"  1 
ATOM   483 O  "O3'"  . DC  B 1 8 ? 2.676   11.059  3.267   1.00 12.69 ? 18  DC  B "O3'"  1 
ATOM   484 C  "C2'"  . DC  B 1 8 ? 1.489   12.778  1.981   1.00 14.11 ? 18  DC  B "C2'"  1 
ATOM   485 C  "C1'"  . DC  B 1 8 ? 2.594   13.828  1.967   1.00 14.39 ? 18  DC  B "C1'"  1 
ATOM   486 N  N1     . DC  B 1 8 ? 2.201   15.079  1.307   1.00 15.46 ? 18  DC  B N1     1 
ATOM   487 C  C2     . DC  B 1 8 ? 2.013   16.220  2.091   1.00 16.01 ? 18  DC  B C2     1 
ATOM   488 O  O2     . DC  B 1 8 ? 2.186   16.136  3.317   1.00 16.35 ? 18  DC  B O2     1 
ATOM   489 N  N3     . DC  B 1 8 ? 1.651   17.378  1.495   1.00 16.35 ? 18  DC  B N3     1 
ATOM   490 C  C4     . DC  B 1 8 ? 1.478   17.419  0.172   1.00 15.88 ? 18  DC  B C4     1 
ATOM   491 N  N4     . DC  B 1 8 ? 1.115   18.584  -0.371  1.00 15.90 ? 18  DC  B N4     1 
ATOM   492 C  C5     . DC  B 1 8 ? 1.662   16.272  -0.652  1.00 16.04 ? 18  DC  B C5     1 
ATOM   493 C  C6     . DC  B 1 8 ? 2.020   15.131  -0.048  1.00 15.40 ? 18  DC  B C6     1 
ATOM   494 H  "H5'"  . DC  B 1 8 ? 4.272   11.520  -0.796  1.00 21.12 ? 18  DC  B "H5'"  1 
ATOM   495 H  "H5''" . DC  B 1 8 ? 3.112   10.518  -0.438  1.00 21.12 ? 18  DC  B "H5''" 1 
ATOM   496 H  "H4'"  . DC  B 1 8 ? 4.288   11.430  1.471   1.00 22.03 ? 18  DC  B "H4'"  1 
ATOM   497 H  "H3'"  . DC  B 1 8 ? 1.779   10.786  1.510   1.00 19.90 ? 18  DC  B "H3'"  1 
ATOM   498 H  "H2'"  . DC  B 1 8 ? 0.915   12.856  1.202   1.00 21.16 ? 18  DC  B "H2'"  1 
ATOM   499 H  "H2''" . DC  B 1 8 ? 0.950   12.840  2.784   1.00 21.16 ? 18  DC  B "H2''" 1 
ATOM   500 H  "H1'"  . DC  B 1 8 ? 2.902   14.008  2.879   1.00 21.59 ? 18  DC  B "H1'"  1 
ATOM   501 H  H41    . DC  B 1 8 ? 1.001   19.274  0.129   1.00 23.85 ? 18  DC  B H41    1 
ATOM   502 H  H42    . DC  B 1 8 ? 0.996   18.643  -1.221  1.00 23.85 ? 18  DC  B H42    1 
ATOM   503 H  H5     . DC  B 1 8 ? 1.539   16.313  -1.573  1.00 24.05 ? 18  DC  B H5     1 
ATOM   504 H  H6     . DC  B 1 8 ? 2.149   14.363  -0.558  1.00 23.10 ? 18  DC  B H6     1 
HETATM 505 NA NA     . NA  C 2 . ? 0.233   -0.380  -0.935  1.00 7.61  ? 19  NA  A NA     1 
HETATM 506 BA BA     . BA  D 3 . ? -5.702  -0.822  -10.184 0.29 17.89 ? 28  BA  A BA     1 
HETATM 507 BA BA     . BA  E 3 . ? -9.579  -2.162  -10.289 0.49 21.71 ? 29  BA  A BA     1 
HETATM 508 BA BA     . BA  F 3 . ? -8.584  -1.895  -8.567  0.51 21.93 ? 30  BA  A BA     1 
HETATM 509 BA BA     . BA  G 3 . ? -6.395  2.031   12.759  1.00 12.23 ? 20  BA  B BA     1 
HETATM 510 BA BA     . BA  H 3 . ? 2.807   11.909  6.428   0.56 11.43 ? 21  BA  B BA     1 
HETATM 511 BA BA     . BA  I 3 . ? -3.158  7.800   10.035  0.44 13.12 ? 22  BA  B BA     1 
HETATM 512 BA BA     . BA  J 3 . ? -1.831  8.563   9.386   0.37 13.22 ? 23  BA  B BA     1 
HETATM 513 BA BA     . BA  K 3 . ? -1.490  7.208   10.632  0.17 14.18 ? 24  BA  B BA     1 
HETATM 514 BA BA     . BA  L 3 . ? 6.933   1.588   6.221   0.42 13.63 ? 25  BA  B BA     1 
HETATM 515 BA BA     . BA  M 3 . ? 6.606   0.471   8.180   0.34 14.47 ? 26  BA  B BA     1 
HETATM 516 BA BA     . BA  N 3 . ? 9.064   0.681   6.248   0.21 15.77 ? 27  BA  B BA     1 
HETATM 517 O  O      . HOH O 4 . ? 0.704   -2.006  -3.199  1.00 7.57  ? 31  HOH A O      1 
HETATM 518 O  O      . HOH O 4 . ? 5.232   -2.207  -13.949 1.00 32.92 ? 34  HOH A O      1 
HETATM 519 O  O      . HOH O 4 . ? -4.248  -7.121  -11.075 1.00 31.38 ? 39  HOH A O      1 
HETATM 520 O  O      . HOH O 4 . ? 12.199  -1.498  -12.982 1.00 11.87 ? 47  HOH A O      1 
HETATM 521 O  O      . HOH O 4 . ? -11.563 -6.261  -1.931  1.00 11.42 ? 50  HOH A O      1 
HETATM 522 O  O      . HOH O 4 . ? 4.614   -4.575  -12.446 1.00 15.15 ? 54  HOH A O      1 
HETATM 523 O  O      . HOH O 4 . ? 6.172   -6.250  -7.057  1.00 22.26 ? 57  HOH A O      1 
HETATM 524 O  O      . HOH O 4 . ? -10.439 -4.314  -0.357  1.00 11.64 ? 58  HOH A O      1 
HETATM 525 O  O      . HOH O 4 . ? -4.443  -9.828  -10.978 1.00 18.14 ? 60  HOH A O      1 
HETATM 526 O  O      . HOH O 4 . ? -2.046  -2.556  -12.011 1.00 20.04 ? 62  HOH A O      1 
HETATM 527 O  O      . HOH O 4 . ? 6.297   -2.040  2.983   1.00 13.91 ? 64  HOH A O      1 
HETATM 528 O  O      . HOH O 4 . ? -11.591 -10.012 -3.810  1.00 13.31 ? 65  HOH A O      1 
HETATM 529 O  O      . HOH O 4 . ? -2.823  -5.400  -9.714  1.00 20.93 ? 66  HOH A O      1 
HETATM 530 O  O      . HOH O 4 . ? -0.490  -0.164  -9.739  1.00 13.45 ? 67  HOH A O      1 
HETATM 531 O  O      . HOH O 4 . ? 3.983   5.460   -6.886  1.00 20.04 ? 76  HOH A O      1 
HETATM 532 O  O      . HOH O 4 . ? -2.829  -8.599  2.591   1.00 20.10 ? 77  HOH A O      1 
HETATM 533 O  O      . HOH O 4 . ? -8.633  -8.591  -1.366  1.00 22.09 ? 78  HOH A O      1 
HETATM 534 O  O      . HOH O 4 . ? -8.867  -5.297  -7.896  1.00 25.01 ? 84  HOH A O      1 
HETATM 535 O  O      . HOH O 4 . ? -6.068  4.275   -2.974  1.00 23.06 ? 85  HOH A O      1 
HETATM 536 O  O      . HOH O 4 . ? 13.746  1.565   -8.647  1.00 22.83 ? 88  HOH A O      1 
HETATM 537 O  O      . HOH O 4 . ? -5.969  -8.504  2.800   1.00 18.78 ? 89  HOH A O      1 
HETATM 538 O  O      . HOH O 4 . ? -5.466  -8.857  -1.781  1.00 28.83 ? 90  HOH A O      1 
HETATM 539 O  O      . HOH O 4 . ? 7.032   1.420   3.470   1.00 17.15 ? 107 HOH A O      1 
HETATM 540 O  O      . HOH O 4 . ? -3.840  -4.087  -12.446 1.00 13.27 ? 128 HOH A O      1 
HETATM 541 O  O      . HOH O 4 . ? -6.585  -6.797  -12.196 1.00 34.29 ? 130 HOH A O      1 
HETATM 542 O  O      . HOH O 4 . ? -7.007  0.462   -12.447 1.00 25.26 ? 134 HOH A O      1 
HETATM 543 O  O      . HOH O 4 . ? -6.195  -5.634  -9.481  1.00 23.73 ? 135 HOH A O      1 
HETATM 544 O  O      . HOH P 4 . ? -0.277  1.258   1.278   1.00 8.17  ? 32  HOH B O      1 
HETATM 545 O  O      . HOH P 4 . ? -1.462  4.079   9.874   1.00 20.21 ? 33  HOH B O      1 
HETATM 546 O  O      . HOH P 4 . ? -7.110  4.738   12.241  1.00 15.29 ? 35  HOH B O      1 
HETATM 547 O  O      . HOH P 4 . ? -4.441  0.551   14.279  1.00 12.56 ? 36  HOH B O      1 
HETATM 548 O  O      . HOH P 4 . ? -5.923  -4.348  5.518   1.00 14.72 ? 37  HOH B O      1 
HETATM 549 O  O      . HOH P 4 . ? -7.597  -0.393  13.079  1.00 9.73  ? 38  HOH B O      1 
HETATM 550 O  O      . HOH P 4 . ? -1.633  9.749   11.772  1.00 10.05 ? 40  HOH B O      1 
HETATM 551 O  O      . HOH P 4 . ? -7.139  5.750   7.898   1.00 6.73  ? 41  HOH B O      1 
HETATM 552 O  O      . HOH P 4 . ? -3.318  -8.467  4.844   1.00 4.76  ? 42  HOH B O      1 
HETATM 553 O  O      . HOH P 4 . ? 2.457   -0.997  10.542  1.00 11.23 ? 43  HOH B O      1 
HETATM 554 O  O      . HOH P 4 . ? -7.673  8.542   0.155   1.00 4.51  ? 44  HOH B O      1 
HETATM 555 O  O      . HOH P 4 . ? -7.590  -0.889  6.282   1.00 8.48  ? 45  HOH B O      1 
HETATM 556 O  O      . HOH P 4 . ? -3.097  -9.312  9.630   1.00 13.07 ? 46  HOH B O      1 
HETATM 557 O  O      . HOH P 4 . ? 2.171   -7.223  5.866   1.00 9.61  ? 48  HOH B O      1 
HETATM 558 O  O      . HOH P 4 . ? -1.848  6.121   8.145   1.00 10.56 ? 49  HOH B O      1 
HETATM 559 O  O      . HOH P 4 . ? -7.535  3.186   8.361   1.00 11.57 ? 51  HOH B O      1 
HETATM 560 O  O      . HOH P 4 . ? 0.683   1.584   9.041   1.00 12.32 ? 52  HOH B O      1 
HETATM 561 O  O      . HOH P 4 . ? 4.883   1.265   7.935   1.00 19.87 ? 53  HOH B O      1 
HETATM 562 O  O      . HOH P 4 . ? -8.635  -1.390  10.735  1.00 11.35 ? 55  HOH B O      1 
HETATM 563 O  O      . HOH P 4 . ? -4.273  5.036   9.206   1.00 16.40 ? 56  HOH B O      1 
HETATM 564 O  O      . HOH P 4 . ? 1.838   -9.042  2.097   1.00 16.66 ? 59  HOH B O      1 
HETATM 565 O  O      . HOH P 4 . ? -3.784  8.373   3.541   1.00 22.36 ? 61  HOH B O      1 
HETATM 566 O  O      . HOH P 4 . ? -0.291  -8.266  10.086  1.00 12.28 ? 63  HOH B O      1 
HETATM 567 O  O      . HOH P 4 . ? -8.743  2.782   14.438  1.00 16.03 ? 68  HOH B O      1 
HETATM 568 O  O      . HOH P 4 . ? 1.213   -8.825  7.725   1.00 13.62 ? 69  HOH B O      1 
HETATM 569 O  O      . HOH P 4 . ? 4.913   3.614   5.510   1.00 12.44 ? 70  HOH B O      1 
HETATM 570 O  O      . HOH P 4 . ? 5.788   -1.056  5.758   1.00 17.31 ? 71  HOH B O      1 
HETATM 571 O  O      . HOH P 4 . ? 2.647   9.222   9.814   1.00 16.11 ? 72  HOH B O      1 
HETATM 572 O  O      . HOH P 4 . ? -6.401  11.827  5.718   1.00 11.15 ? 73  HOH B O      1 
HETATM 573 O  O      . HOH P 4 . ? 5.205   -1.746  9.043   1.00 19.59 ? 74  HOH B O      1 
HETATM 574 O  O      . HOH P 4 . ? 7.424   5.685   -1.606  1.00 27.18 ? 75  HOH B O      1 
HETATM 575 O  O      . HOH P 4 . ? -0.819  -9.179  5.738   1.00 21.15 ? 79  HOH B O      1 
HETATM 576 O  O      . HOH P 4 . ? 2.730   0.776   12.092  1.00 22.51 ? 80  HOH B O      1 
HETATM 577 O  O      . HOH P 4 . ? -1.578  11.138  2.800   1.00 22.21 ? 81  HOH B O      1 
HETATM 578 O  O      . HOH P 4 . ? -6.987  6.993   3.614   1.00 35.77 ? 82  HOH B O      1 
HETATM 579 O  O      . HOH P 4 . ? 6.369   6.226   5.417   1.00 19.87 ? 83  HOH B O      1 
HETATM 580 O  O      . HOH P 4 . ? -9.107  7.631   1.567   1.00 18.23 ? 86  HOH B O      1 
HETATM 581 O  O      . HOH P 4 . ? -10.611 9.945   1.106   1.00 18.52 ? 87  HOH B O      1 
HETATM 582 O  O      . HOH P 4 . ? -6.587  0.100   17.136  1.00 26.42 ? 91  HOH B O      1 
HETATM 583 O  O      . HOH P 4 . ? -9.033  2.311   11.543  1.00 13.39 ? 92  HOH B O      1 
HETATM 584 O  O      . HOH P 4 . ? -7.104  1.422   15.310  1.00 16.65 ? 93  HOH B O      1 
HETATM 585 O  O      . HOH P 4 . ? -4.325  3.466   11.724  1.00 12.57 ? 94  HOH B O      1 
HETATM 586 O  O      . HOH P 4 . ? -5.226  1.405   15.388  1.00 12.33 ? 95  HOH B O      1 
HETATM 587 O  O      . HOH P 4 . ? 1.119   13.305  8.663   1.00 19.49 ? 96  HOH B O      1 
HETATM 588 O  O      . HOH P 4 . ? 0.882   10.631  10.567  1.00 21.72 ? 97  HOH B O      1 
HETATM 589 O  O      . HOH P 4 . ? 0.021   11.979  5.531   1.00 18.47 ? 98  HOH B O      1 
HETATM 590 O  O      . HOH P 4 . ? 4.437   13.121  8.458   1.00 15.42 ? 99  HOH B O      1 
HETATM 591 O  O      . HOH P 4 . ? 5.023   9.871   7.299   1.00 26.26 ? 100 HOH B O      1 
HETATM 592 O  O      . HOH P 4 . ? -4.424  8.189   7.458   1.00 16.97 ? 101 HOH B O      1 
HETATM 593 O  O      . HOH P 4 . ? 0.033   8.844   7.327   1.00 24.31 ? 102 HOH B O      1 
HETATM 594 O  O      . HOH P 4 . ? -4.001  11.110  4.395   1.00 17.90 ? 103 HOH B O      1 
HETATM 595 O  O      . HOH P 4 . ? 7.540   1.413   9.245   1.00 15.48 ? 104 HOH B O      1 
HETATM 596 O  O      . HOH P 4 . ? 5.271   -0.343  10.772  1.00 22.16 ? 105 HOH B O      1 
HETATM 597 O  O      . HOH P 4 . ? 7.783   -0.345  7.895   1.00 19.18 ? 106 HOH B O      1 
HETATM 598 O  O      . HOH P 4 . ? 13.656  -0.635  4.673   1.00 21.18 ? 108 HOH B O      1 
HETATM 599 O  O      . HOH P 4 . ? 1.665   8.126   12.344  1.00 26.00 ? 109 HOH B O      1 
HETATM 600 O  O      . HOH P 4 . ? -11.059 4.493   17.985  1.00 17.80 ? 110 HOH B O      1 
HETATM 601 O  O      . HOH P 4 . ? 4.340   7.843   6.805   1.00 24.30 ? 111 HOH B O      1 
HETATM 602 O  O      . HOH P 4 . ? -3.814  3.596   -6.251  1.00 32.76 ? 112 HOH B O      1 
HETATM 603 O  O      . HOH P 4 . ? 8.968   3.874   5.306   1.00 33.38 ? 113 HOH B O      1 
HETATM 604 O  O      . HOH P 4 . ? 6.675   8.237   2.114   1.00 32.61 ? 114 HOH B O      1 
HETATM 605 O  O      . HOH P 4 . ? 5.603   -2.818  4.881   1.00 26.37 ? 115 HOH B O      1 
HETATM 606 O  O      . HOH P 4 . ? -7.740  6.012   1.719   1.00 25.64 ? 116 HOH B O      1 
HETATM 607 O  O      . HOH P 4 . ? -4.626  10.399  9.904   1.00 22.10 ? 117 HOH B O      1 
HETATM 608 O  O      . HOH P 4 . ? -17.620 -14.460 20.662  1.00 21.24 ? 118 HOH B O      1 
HETATM 609 O  O      . HOH P 4 . ? -4.346  11.056  6.960   1.00 23.91 ? 119 HOH B O      1 
HETATM 610 O  O      . HOH P 4 . ? 12.774  1.880   6.770   1.00 12.59 ? 120 HOH B O      1 
HETATM 611 O  O      . HOH P 4 . ? 10.946  0.765   8.315   1.00 15.10 ? 121 HOH B O      1 
HETATM 612 O  O      . HOH P 4 . ? 11.743  4.594   5.923   1.00 15.35 ? 122 HOH B O      1 
HETATM 613 O  O      . HOH P 4 . ? 9.676   3.319   7.677   1.00 28.92 ? 123 HOH B O      1 
HETATM 614 O  O      . HOH P 4 . ? 4.798   13.296  5.014   1.00 23.03 ? 124 HOH B O      1 
HETATM 615 O  O      . HOH P 4 . ? -1.757  0.503   -9.536  1.00 32.94 ? 125 HOH B O      1 
HETATM 616 O  O      . HOH P 4 . ? 3.852   6.819   11.438  1.00 24.61 ? 126 HOH B O      1 
HETATM 617 O  O      . HOH P 4 . ? 2.597   5.639   12.178  1.00 22.19 ? 127 HOH B O      1 
HETATM 618 O  O      . HOH P 4 . ? 11.660  2.586   10.525  1.00 26.74 ? 129 HOH B O      1 
HETATM 619 O  O      . HOH P 4 . ? 4.789   8.657   9.218   1.00 15.68 ? 131 HOH B O      1 
HETATM 620 O  O      . HOH P 4 . ? -9.207  2.251   17.089  1.00 21.49 ? 132 HOH B O      1 
HETATM 621 O  O      . HOH P 4 . ? -0.771  3.592   -8.764  1.00 33.99 ? 133 HOH B O      1 
# 
